data_9FVB
#
_entry.id   9FVB
#
_cell.length_a   151.296
_cell.length_b   50.340
_cell.length_c   133.994
_cell.angle_alpha   90.000
_cell.angle_beta   114.880
_cell.angle_gamma   90.000
#
_symmetry.space_group_name_H-M   'C 1 2 1'
#
loop_
_entity.id
_entity.type
_entity.pdbx_description
1 polymer 'Sialic acid-binding periplasmic protein SiaP'
2 polymer VHH_VcP#2
3 non-polymer IMIDAZOLE
4 non-polymer GLYCEROL
5 non-polymer 'TRIETHYLENE GLYCOL'
6 water water
#
loop_
_entity_poly.entity_id
_entity_poly.type
_entity_poly.pdbx_seq_one_letter_code
_entity_poly.pdbx_strand_id
1 'polypeptide(L)'
;GAMGATTLKMGMQASVGSVEYNSAKMLADTLEEMSQGEIKLALYPSAQLGDDRAMLQQLTLGDLDITYAEFGRMGLWIPR
AEAVMLPYVAKDFDHLRRMFESDFGQGVRDEMLQKFNWRALDTWYNGTRETTSNRPLNSIEDFKGLKLRVPNAKQNLNYA
KLSGASPTPMSFSEVYLALQTNAVDGQENPLPTIKTMKFYEVQKNLAMTHHIVNDQMVIISESTWQKLSDTDKDIIQKAV
QKVGDAHTQTVKTQEAELVSFFKSEGINVTYPDLEPFREAMQPLYKEFDSNIGQPIVSKLAAM
;
A,B
2 'polypeptide(L)'
;QVQLVESGGRLVQTGGSLRLSCAASGDTFSNYVMGWFRQAPGKEREFVAAISWTGANSYYADSVAGRFTISRDNAKNTVA
LQMNSLKPEDTAIYYCAADHFHVTHRKYDYWGQGTQVTVSSGGYPYDVPDYAGHHHHHH
;
C,H
#
loop_
_chem_comp.id
_chem_comp.type
_chem_comp.name
_chem_comp.formula
GOL non-polymer GLYCEROL 'C3 H8 O3'
IMD non-polymer IMIDAZOLE 'C3 H5 N2 1'
PGE non-polymer 'TRIETHYLENE GLYCOL' 'C6 H14 O4'
#
# COMPACT_ATOMS: atom_id res chain seq x y z
N GLY A 1 2.69 41.48 15.73
CA GLY A 1 3.43 40.28 15.24
C GLY A 1 2.89 38.93 15.67
N ALA A 2 1.73 38.54 15.10
CA ALA A 2 1.11 37.26 15.44
C ALA A 2 2.11 36.11 15.34
N MET A 3 3.09 36.20 14.42
CA MET A 3 4.15 35.20 14.33
C MET A 3 5.06 35.20 15.56
N GLY A 4 5.05 36.28 16.35
CA GLY A 4 5.91 36.38 17.52
C GLY A 4 7.39 36.44 17.16
N ALA A 5 8.19 36.45 18.23
CA ALA A 5 9.64 36.38 18.09
C ALA A 5 10.06 34.92 18.11
N THR A 6 11.34 34.70 17.90
CA THR A 6 11.98 33.41 18.05
C THR A 6 13.06 33.62 19.11
N THR A 7 12.89 33.01 20.26
CA THR A 7 13.82 33.19 21.37
C THR A 7 14.74 31.96 21.33
N LEU A 8 15.93 32.14 20.78
CA LEU A 8 16.95 31.13 20.86
C LEU A 8 17.61 31.18 22.24
N LYS A 9 18.21 30.05 22.60
CA LYS A 9 18.95 29.91 23.85
C LYS A 9 20.41 29.52 23.56
N MET A 10 21.31 30.18 24.29
CA MET A 10 22.75 29.96 24.15
C MET A 10 23.32 29.63 25.53
N GLY A 11 24.09 28.55 25.60
CA GLY A 11 24.77 28.16 26.82
C GLY A 11 26.27 28.38 26.70
N MET A 12 26.93 28.61 27.84
CA MET A 12 28.36 28.81 27.87
C MET A 12 28.85 28.55 29.28
N GLN A 13 30.08 28.10 29.37
CA GLN A 13 30.73 27.87 30.67
C GLN A 13 31.16 29.18 31.31
N ALA A 14 31.44 30.19 30.48
CA ALA A 14 32.04 31.43 30.95
C ALA A 14 31.01 32.25 31.72
N SER A 15 31.50 33.20 32.50
CA SER A 15 30.65 33.95 33.41
C SER A 15 30.56 35.41 33.02
N VAL A 16 29.53 36.07 33.52
CA VAL A 16 29.42 37.53 33.40
C VAL A 16 30.74 38.16 33.77
N GLY A 17 31.23 39.07 32.91
CA GLY A 17 32.49 39.76 33.10
C GLY A 17 33.53 39.33 32.09
N SER A 18 33.39 38.14 31.55
CA SER A 18 34.38 37.60 30.66
C SER A 18 34.14 38.11 29.25
N VAL A 19 35.16 37.91 28.40
CA VAL A 19 35.07 38.29 26.99
C VAL A 19 34.07 37.41 26.24
N GLU A 20 34.12 36.10 26.46
CA GLU A 20 33.11 35.20 25.92
C GLU A 20 31.69 35.68 26.25
N TYR A 21 31.44 36.00 27.52
CA TYR A 21 30.10 36.46 27.89
C TYR A 21 29.75 37.79 27.21
N ASN A 22 30.67 38.76 27.26
CA ASN A 22 30.39 40.04 26.63
C ASN A 22 30.13 39.89 25.14
N SER A 23 30.88 38.97 24.48
CA SER A 23 30.64 38.72 23.06
C SER A 23 29.30 38.02 22.84
N ALA A 24 28.92 37.08 23.71
CA ALA A 24 27.60 36.47 23.58
C ALA A 24 26.50 37.52 23.71
N LYS A 25 26.62 38.40 24.70
CA LYS A 25 25.63 39.45 24.90
C LYS A 25 25.59 40.43 23.74
N MET A 26 26.76 40.74 23.17
CA MET A 26 26.76 41.56 21.97
C MET A 26 26.04 40.84 20.84
N LEU A 27 26.18 39.51 20.79
CA LEU A 27 25.48 38.72 19.77
C LEU A 27 23.97 38.77 19.99
N ALA A 28 23.52 38.58 21.23
CA ALA A 28 22.10 38.76 21.56
C ALA A 28 21.59 40.12 21.10
N ASP A 29 22.28 41.19 21.48
CA ASP A 29 21.86 42.52 21.07
C ASP A 29 21.89 42.70 19.55
N THR A 30 22.88 42.13 18.87
CA THR A 30 22.95 42.32 17.43
C THR A 30 21.78 41.63 16.73
N LEU A 31 21.50 40.39 17.13
CA LEU A 31 20.41 39.64 16.54
C LEU A 31 19.08 40.36 16.76
N GLU A 32 18.87 40.89 17.97
CA GLU A 32 17.61 41.57 18.24
C GLU A 32 17.43 42.81 17.36
N GLU A 33 18.51 43.56 17.11
CA GLU A 33 18.37 44.74 16.26
C GLU A 33 18.20 44.36 14.78
N MET A 34 19.13 43.56 14.24
CA MET A 34 19.07 43.21 12.84
C MET A 34 17.78 42.48 12.47
N SER A 35 17.13 41.81 13.42
CA SER A 35 15.86 41.16 13.16
C SER A 35 14.66 42.01 13.52
N GLN A 36 14.88 43.18 14.12
CA GLN A 36 13.77 44.05 14.56
C GLN A 36 12.88 43.34 15.56
N GLY A 37 13.52 42.64 16.50
CA GLY A 37 12.86 41.95 17.58
C GLY A 37 12.41 40.54 17.28
N GLU A 38 12.57 40.07 16.04
CA GLU A 38 12.06 38.77 15.65
C GLU A 38 12.99 37.65 16.05
N ILE A 39 14.24 37.96 16.38
CA ILE A 39 15.16 36.94 16.90
C ILE A 39 15.73 37.46 18.21
N LYS A 40 15.47 36.74 19.28
CA LYS A 40 16.07 37.02 20.56
C LYS A 40 16.94 35.85 20.96
N LEU A 41 17.88 36.13 21.84
CA LEU A 41 18.78 35.10 22.34
C LEU A 41 18.84 35.22 23.84
N ALA A 42 18.46 34.14 24.52
CA ALA A 42 18.60 34.02 25.95
C ALA A 42 19.94 33.35 26.30
N LEU A 43 20.65 33.97 27.24
CA LEU A 43 21.97 33.49 27.64
C LEU A 43 21.89 32.70 28.94
N TYR A 44 22.59 31.57 28.98
CA TYR A 44 22.71 30.76 30.20
C TYR A 44 24.19 30.60 30.51
N PRO A 45 24.75 31.46 31.36
CA PRO A 45 26.19 31.37 31.62
C PRO A 45 26.57 30.49 32.78
N SER A 46 27.88 30.47 33.04
CA SER A 46 28.47 29.83 34.20
C SER A 46 28.16 28.33 34.27
N ALA A 47 27.96 27.69 33.13
CA ALA A 47 27.77 26.22 33.06
C ALA A 47 26.49 25.77 33.79
N GLN A 48 25.57 26.70 33.95
CA GLN A 48 24.21 26.43 34.48
C GLN A 48 23.48 25.33 33.76
N LEU A 49 23.88 24.98 32.55
CA LEU A 49 23.27 23.87 31.84
C LEU A 49 24.17 22.64 31.76
N GLY A 50 25.34 22.69 32.40
CA GLY A 50 26.35 21.68 32.33
C GLY A 50 27.65 22.26 31.78
N ASP A 51 28.59 21.37 31.51
CA ASP A 51 29.84 21.74 30.88
C ASP A 51 29.64 21.77 29.37
N ASP A 52 30.76 21.92 28.65
CA ASP A 52 30.66 22.13 27.22
C ASP A 52 30.16 20.85 26.54
N ARG A 53 30.59 19.69 27.04
CA ARG A 53 30.13 18.45 26.41
C ARG A 53 28.65 18.21 26.71
N ALA A 54 28.22 18.51 27.94
CA ALA A 54 26.78 18.46 28.21
C ALA A 54 26.00 19.38 27.28
N MET A 55 26.53 20.59 27.04
CA MET A 55 25.78 21.55 26.23
C MET A 55 25.74 21.14 24.77
N LEU A 56 26.87 20.71 24.20
CA LEU A 56 26.83 20.16 22.85
C LEU A 56 25.79 19.04 22.74
N GLN A 57 25.69 18.20 23.77
CA GLN A 57 24.68 17.14 23.77
C GLN A 57 23.27 17.71 23.72
N GLN A 58 23.04 18.83 24.40
CA GLN A 58 21.70 19.46 24.28
C GLN A 58 21.51 20.02 22.86
N LEU A 59 22.60 20.45 22.22
CA LEU A 59 22.48 20.87 20.83
C LEU A 59 22.13 19.67 19.95
N THR A 60 22.82 18.57 20.14
CA THR A 60 22.56 17.40 19.31
C THR A 60 21.08 17.06 19.29
N LEU A 61 20.39 17.28 20.41
CA LEU A 61 18.99 16.88 20.60
C LEU A 61 18.01 18.02 20.42
N GLY A 62 18.49 19.21 20.04
CA GLY A 62 17.62 20.33 19.79
C GLY A 62 17.04 20.96 21.04
N ASP A 63 17.58 20.65 22.21
CA ASP A 63 17.17 21.21 23.48
C ASP A 63 17.91 22.49 23.79
N LEU A 64 18.97 22.81 23.07
CA LEU A 64 19.67 24.07 23.25
C LEU A 64 20.14 24.47 21.86
N ASP A 65 20.14 25.78 21.60
CA ASP A 65 20.31 26.28 20.25
C ASP A 65 21.76 26.60 19.91
N ILE A 66 22.51 27.22 20.82
CA ILE A 66 23.83 27.75 20.50
C ILE A 66 24.77 27.50 21.66
N THR A 67 26.00 27.09 21.36
CA THR A 67 27.06 27.05 22.36
C THR A 67 28.40 27.30 21.69
N TYR A 68 29.41 27.45 22.54
CA TYR A 68 30.80 27.56 22.16
C TYR A 68 31.44 26.18 22.21
N ALA A 69 32.46 25.97 21.37
CA ALA A 69 33.30 24.78 21.47
C ALA A 69 34.58 25.01 20.68
N GLU A 70 35.70 24.64 21.30
CA GLU A 70 37.00 24.76 20.64
C GLU A 70 37.06 23.84 19.42
N PHE A 71 37.59 24.37 18.31
CA PHE A 71 37.89 23.55 17.14
C PHE A 71 38.59 22.24 17.55
N GLY A 72 39.73 22.36 18.24
CA GLY A 72 40.44 21.17 18.67
C GLY A 72 39.63 20.25 19.57
N ARG A 73 38.72 20.82 20.38
CA ARG A 73 37.93 20.01 21.28
C ARG A 73 37.14 18.94 20.52
N MET A 74 36.91 19.15 19.21
CA MET A 74 36.22 18.15 18.42
C MET A 74 36.99 16.85 18.28
N GLY A 75 38.29 16.85 18.58
CA GLY A 75 39.06 15.62 18.48
C GLY A 75 38.66 14.53 19.43
N LEU A 76 37.84 14.86 20.44
CA LEU A 76 37.32 13.83 21.32
C LEU A 76 36.37 12.88 20.59
N TRP A 77 35.73 13.37 19.54
CA TRP A 77 34.65 12.67 18.85
C TRP A 77 34.91 12.53 17.36
N ILE A 78 35.80 13.34 16.80
CA ILE A 78 36.23 13.29 15.40
C ILE A 78 37.75 13.32 15.50
N PRO A 79 38.39 12.15 15.65
CA PRO A 79 39.81 12.15 16.06
C PRO A 79 40.73 13.07 15.27
N ARG A 80 40.51 13.26 13.95
CA ARG A 80 41.49 14.01 13.18
C ARG A 80 41.46 15.48 13.55
N ALA A 81 40.35 15.94 14.11
CA ALA A 81 40.22 17.34 14.47
C ALA A 81 41.23 17.73 15.53
N GLU A 82 41.75 16.75 16.27
CA GLU A 82 42.75 17.08 17.28
C GLU A 82 44.01 17.69 16.67
N ALA A 83 44.24 17.44 15.38
CA ALA A 83 45.46 17.95 14.76
C ALA A 83 45.61 19.45 15.01
N VAL A 84 44.49 20.18 15.06
CA VAL A 84 44.59 21.64 15.15
C VAL A 84 44.94 22.18 16.53
N MET A 85 45.00 21.33 17.56
CA MET A 85 45.51 21.74 18.86
C MET A 85 46.76 20.99 19.30
N LEU A 86 47.43 20.28 18.39
CA LEU A 86 48.80 19.90 18.67
C LEU A 86 49.65 21.16 18.75
N PRO A 87 50.58 21.25 19.68
CA PRO A 87 51.37 22.47 19.80
C PRO A 87 52.10 22.83 18.50
N TYR A 88 52.09 24.11 18.19
CA TYR A 88 52.75 24.78 17.07
C TYR A 88 52.18 24.44 15.71
N VAL A 89 51.06 23.68 15.62
CA VAL A 89 50.50 23.42 14.28
C VAL A 89 49.91 24.70 13.71
N ALA A 90 49.07 25.38 14.50
CA ALA A 90 48.59 26.72 14.16
C ALA A 90 49.64 27.76 14.46
N LYS A 91 49.98 28.56 13.45
CA LYS A 91 51.03 29.56 13.62
C LYS A 91 50.47 30.82 14.27
N ASP A 92 49.25 31.20 13.89
CA ASP A 92 48.52 32.34 14.46
C ASP A 92 47.04 32.06 14.21
N PHE A 93 46.19 33.07 14.44
CA PHE A 93 44.76 32.75 14.34
C PHE A 93 44.32 32.66 12.88
N ASP A 94 44.72 33.64 12.07
CA ASP A 94 44.42 33.54 10.65
C ASP A 94 44.73 32.15 10.11
N HIS A 95 45.84 31.55 10.55
CA HIS A 95 46.16 30.17 10.16
C HIS A 95 45.12 29.17 10.68
N LEU A 96 44.74 29.29 11.95
CA LEU A 96 43.71 28.40 12.45
C LEU A 96 42.43 28.58 11.67
N ARG A 97 42.09 29.81 11.31
CA ARG A 97 40.85 30.00 10.56
C ARG A 97 40.99 29.47 9.16
N ARG A 98 42.16 29.62 8.53
CA ARG A 98 42.39 28.98 7.25
C ARG A 98 42.11 27.47 7.34
N MET A 99 42.57 26.83 8.42
CA MET A 99 42.30 25.40 8.57
C MET A 99 40.79 25.12 8.66
N PHE A 100 40.05 26.03 9.31
CA PHE A 100 38.59 25.88 9.50
C PHE A 100 37.87 25.91 8.18
N GLU A 101 38.40 26.65 7.21
CA GLU A 101 37.77 26.83 5.90
C GLU A 101 38.30 25.88 4.85
N SER A 102 39.44 25.27 5.11
CA SER A 102 40.07 24.35 4.19
C SER A 102 39.20 23.13 3.93
N ASP A 103 39.65 22.33 2.95
CA ASP A 103 39.05 21.01 2.72
C ASP A 103 39.02 20.20 4.02
N PHE A 104 40.08 20.30 4.82
CA PHE A 104 40.13 19.57 6.08
C PHE A 104 39.10 20.12 7.05
N GLY A 105 39.08 21.44 7.22
CA GLY A 105 38.11 22.05 8.10
C GLY A 105 36.71 21.69 7.68
N GLN A 106 36.45 21.80 6.38
CA GLN A 106 35.11 21.53 5.85
C GLN A 106 34.72 20.07 6.08
N GLY A 107 35.65 19.13 5.96
CA GLY A 107 35.33 17.74 6.23
C GLY A 107 35.03 17.49 7.70
N VAL A 108 35.72 18.17 8.60
CA VAL A 108 35.36 18.08 10.03
C VAL A 108 33.98 18.71 10.28
N ARG A 109 33.66 19.82 9.61
CA ARG A 109 32.38 20.46 9.86
C ARG A 109 31.22 19.68 9.28
N ASP A 110 31.44 18.95 8.18
CA ASP A 110 30.38 18.10 7.63
C ASP A 110 30.12 16.89 8.53
N GLU A 111 31.16 16.37 9.19
CA GLU A 111 30.99 15.26 10.12
C GLU A 111 30.30 15.72 11.40
N MET A 112 30.68 16.88 11.89
CA MET A 112 29.99 17.48 13.03
C MET A 112 28.51 17.63 12.75
N LEU A 113 28.17 18.09 11.56
CA LEU A 113 26.77 18.28 11.19
C LEU A 113 26.05 16.95 11.05
N GLN A 114 26.62 16.02 10.29
CA GLN A 114 25.95 14.75 10.02
C GLN A 114 25.81 13.92 11.28
N LYS A 115 26.89 13.74 12.03
CA LYS A 115 26.87 12.79 13.14
C LYS A 115 26.19 13.35 14.39
N PHE A 116 26.34 14.66 14.68
CA PHE A 116 25.92 15.22 15.96
C PHE A 116 25.07 16.47 15.86
N ASN A 117 24.60 16.82 14.68
CA ASN A 117 23.64 17.90 14.53
C ASN A 117 24.24 19.23 14.97
N TRP A 118 25.56 19.38 14.82
CA TRP A 118 26.23 20.62 15.14
C TRP A 118 26.58 21.32 13.85
N ARG A 119 26.16 22.58 13.70
CA ARG A 119 26.50 23.39 12.54
C ARG A 119 27.42 24.52 12.99
N ALA A 120 28.69 24.46 12.57
CA ALA A 120 29.65 25.45 13.01
C ALA A 120 29.46 26.69 12.17
N LEU A 121 29.07 27.79 12.81
CA LEU A 121 28.85 29.03 12.07
C LEU A 121 30.14 29.81 11.82
N ASP A 122 31.11 29.72 12.71
CA ASP A 122 32.25 30.64 12.73
C ASP A 122 33.26 30.11 13.74
N THR A 123 34.49 30.58 13.60
CA THR A 123 35.52 30.37 14.60
C THR A 123 36.02 31.75 15.00
N TRP A 124 36.17 31.96 16.31
CA TRP A 124 36.52 33.22 16.91
C TRP A 124 37.83 33.01 17.63
N TYR A 125 38.74 33.99 17.50
CA TYR A 125 40.04 33.87 18.12
C TYR A 125 39.89 34.04 19.62
N ASN A 126 40.57 33.17 20.38
CA ASN A 126 40.40 33.22 21.83
C ASN A 126 41.72 33.19 22.59
N GLY A 127 42.82 33.52 21.92
CA GLY A 127 44.05 33.76 22.64
C GLY A 127 45.07 32.63 22.50
N THR A 128 46.33 32.97 22.79
CA THR A 128 47.46 32.07 22.59
C THR A 128 48.16 31.90 23.93
N ARG A 129 48.54 30.66 24.25
CA ARG A 129 49.29 30.43 25.47
C ARG A 129 50.76 30.80 25.30
N GLU A 130 51.34 31.33 26.37
CA GLU A 130 52.71 31.82 26.44
C GLU A 130 53.33 31.24 27.69
N THR A 131 54.63 31.47 27.86
CA THR A 131 55.42 30.75 28.85
C THR A 131 56.14 31.71 29.79
N THR A 132 55.90 31.57 31.10
CA THR A 132 56.64 32.33 32.09
C THR A 132 57.71 31.43 32.71
N SER A 133 58.70 32.05 33.35
CA SER A 133 59.80 31.32 33.95
C SER A 133 60.59 32.19 34.93
N ASN A 134 61.32 31.51 35.83
CA ASN A 134 62.23 32.20 36.73
C ASN A 134 63.62 32.46 36.11
N ARG A 135 63.85 32.13 34.85
CA ARG A 135 65.04 32.52 34.13
C ARG A 135 64.65 32.78 32.66
N PRO A 136 65.44 33.60 31.96
CA PRO A 136 64.98 33.98 30.62
C PRO A 136 65.14 32.84 29.63
N LEU A 137 64.18 32.74 28.72
CA LEU A 137 64.11 31.73 27.71
C LEU A 137 64.21 32.41 26.35
N ASN A 138 65.40 32.33 25.73
CA ASN A 138 65.65 33.04 24.49
C ASN A 138 65.77 32.11 23.32
N SER A 139 65.90 30.81 23.55
CA SER A 139 65.80 29.78 22.53
C SER A 139 65.36 28.48 23.19
N ILE A 140 64.96 27.51 22.37
CA ILE A 140 64.52 26.19 22.80
C ILE A 140 65.56 25.52 23.66
N GLU A 141 66.80 25.97 23.54
CA GLU A 141 67.89 25.41 24.32
C GLU A 141 67.71 25.73 25.80
N ASP A 142 67.23 26.91 26.12
CA ASP A 142 67.02 27.25 27.52
C ASP A 142 65.97 26.35 28.17
N PHE A 143 65.25 25.55 27.39
CA PHE A 143 64.19 24.72 27.95
C PHE A 143 64.73 23.51 28.67
N LYS A 144 65.98 23.13 28.41
CA LYS A 144 66.53 21.95 29.05
C LYS A 144 66.65 22.18 30.55
N GLY A 145 66.23 21.20 31.34
CA GLY A 145 66.28 21.38 32.78
C GLY A 145 65.12 22.17 33.36
N LEU A 146 64.33 22.85 32.55
CA LEU A 146 63.24 23.72 33.02
C LEU A 146 62.06 22.90 33.54
N LYS A 147 61.90 22.85 34.87
CA LYS A 147 60.68 22.27 35.46
C LYS A 147 59.49 23.17 35.10
N LEU A 148 58.80 22.80 34.04
CA LEU A 148 57.68 23.57 33.52
C LEU A 148 56.36 23.00 34.03
N ARG A 149 55.60 23.81 34.77
CA ARG A 149 54.29 23.33 35.17
C ARG A 149 53.37 23.32 33.96
N VAL A 150 52.58 22.24 33.84
CA VAL A 150 51.51 22.19 32.84
C VAL A 150 50.24 21.66 33.56
N PRO A 151 49.06 21.93 33.00
CA PRO A 151 47.87 21.19 33.44
C PRO A 151 48.08 19.75 33.03
N ASN A 152 47.25 18.85 33.54
CA ASN A 152 47.28 17.45 33.11
C ASN A 152 46.44 17.34 31.83
N ALA A 153 46.97 17.91 30.77
CA ALA A 153 46.38 17.85 29.44
C ALA A 153 47.44 17.32 28.48
N LYS A 154 47.01 16.40 27.61
CA LYS A 154 47.93 15.71 26.73
C LYS A 154 48.81 16.69 25.97
N GLN A 155 48.21 17.67 25.31
CA GLN A 155 49.01 18.51 24.43
C GLN A 155 49.88 19.47 25.23
N ASN A 156 49.45 19.87 26.43
CA ASN A 156 50.31 20.70 27.27
C ASN A 156 51.53 19.91 27.72
N LEU A 157 51.30 18.68 28.19
CA LEU A 157 52.39 17.72 28.43
C LEU A 157 53.34 17.56 27.26
N ASN A 158 52.79 17.46 26.04
CA ASN A 158 53.61 17.23 24.86
C ASN A 158 54.44 18.47 24.51
N TYR A 159 53.88 19.66 24.73
CA TYR A 159 54.66 20.87 24.47
C TYR A 159 55.91 20.89 25.34
N ALA A 160 55.75 20.66 26.64
CA ALA A 160 56.89 20.69 27.56
C ALA A 160 57.86 19.54 27.29
N LYS A 161 57.35 18.34 27.01
CA LYS A 161 58.20 17.20 26.78
C LYS A 161 59.06 17.41 25.55
N LEU A 162 58.42 17.71 24.41
CA LEU A 162 59.16 17.79 23.16
C LEU A 162 60.01 19.07 23.05
N SER A 163 59.70 20.11 23.81
CA SER A 163 60.60 21.27 23.88
C SER A 163 61.89 21.00 24.67
N GLY A 164 61.97 19.90 25.40
CA GLY A 164 63.13 19.59 26.19
C GLY A 164 63.00 19.86 27.67
N ALA A 165 61.84 20.34 28.12
CA ALA A 165 61.68 20.71 29.51
C ALA A 165 61.31 19.46 30.31
N SER A 166 61.19 19.63 31.61
CA SER A 166 60.81 18.59 32.55
C SER A 166 59.35 18.79 32.94
N PRO A 167 58.42 18.13 32.23
CA PRO A 167 57.00 18.38 32.48
C PRO A 167 56.64 18.10 33.92
N THR A 168 55.87 19.02 34.52
CA THR A 168 55.50 18.97 35.94
C THR A 168 54.02 19.23 36.10
N PRO A 169 53.19 18.23 35.86
CA PRO A 169 51.74 18.40 36.07
C PRO A 169 51.41 18.76 37.49
N MET A 170 50.45 19.68 37.63
CA MET A 170 50.16 20.25 38.93
C MET A 170 48.83 20.97 38.84
N SER A 171 48.02 20.89 39.91
CA SER A 171 46.71 21.52 39.90
C SER A 171 46.88 23.02 39.85
N PHE A 172 45.99 23.70 39.12
CA PHE A 172 46.09 25.15 38.95
C PHE A 172 46.21 25.87 40.28
N SER A 173 45.61 25.31 41.31
CA SER A 173 45.54 25.93 42.61
C SER A 173 46.88 25.97 43.31
N GLU A 174 47.80 25.13 42.91
CA GLU A 174 49.13 25.04 43.52
C GLU A 174 50.15 25.88 42.79
N VAL A 175 49.79 26.42 41.63
CA VAL A 175 50.81 26.92 40.73
C VAL A 175 51.52 28.11 41.34
N TYR A 176 50.76 29.11 41.80
CA TYR A 176 51.37 30.37 42.24
C TYR A 176 52.41 30.12 43.32
N LEU A 177 52.10 29.30 44.32
CA LEU A 177 53.07 29.01 45.37
C LEU A 177 54.30 28.30 44.81
N ALA A 178 54.10 27.30 43.96
CA ALA A 178 55.21 26.55 43.38
C ALA A 178 56.16 27.47 42.63
N LEU A 179 55.63 28.51 42.00
CA LEU A 179 56.47 29.49 41.30
C LEU A 179 57.22 30.35 42.30
N GLN A 180 56.49 30.93 43.24
CA GLN A 180 57.05 31.83 44.24
C GLN A 180 58.24 31.21 44.95
N THR A 181 58.23 29.90 45.13
CA THR A 181 59.24 29.18 45.90
C THR A 181 60.23 28.43 45.01
N ASN A 182 60.09 28.53 43.69
CA ASN A 182 60.94 27.81 42.73
C ASN A 182 60.93 26.30 42.95
N ALA A 183 59.87 25.75 43.57
CA ALA A 183 59.60 24.32 43.41
C ALA A 183 59.47 23.96 41.93
N VAL A 184 58.99 24.92 41.12
CA VAL A 184 58.84 24.79 39.67
C VAL A 184 59.53 26.01 39.08
N ASP A 185 59.98 25.87 37.84
CA ASP A 185 60.70 26.99 37.22
C ASP A 185 59.80 27.89 36.40
N GLY A 186 58.65 27.40 35.91
CA GLY A 186 57.76 28.20 35.08
C GLY A 186 56.43 27.49 34.84
N GLN A 187 55.59 28.13 34.03
CA GLN A 187 54.29 27.62 33.62
C GLN A 187 53.90 28.27 32.30
N GLU A 188 52.74 27.86 31.77
CA GLU A 188 52.24 28.37 30.50
C GLU A 188 50.73 28.52 30.48
N ASN A 189 50.26 29.68 30.03
CA ASN A 189 48.85 30.01 30.01
C ASN A 189 48.67 31.22 29.12
N PRO A 190 47.45 31.55 28.73
CA PRO A 190 47.20 32.85 28.08
C PRO A 190 47.63 34.00 28.99
N LEU A 191 47.90 35.16 28.38
CA LEU A 191 48.31 36.33 29.14
C LEU A 191 47.24 36.82 30.14
N PRO A 192 45.95 36.88 29.80
CA PRO A 192 44.98 37.32 30.83
C PRO A 192 45.04 36.46 32.08
N THR A 193 45.23 35.13 31.91
CA THR A 193 45.34 34.27 33.08
C THR A 193 46.59 34.63 33.89
N ILE A 194 47.69 34.90 33.17
CA ILE A 194 48.92 35.28 33.86
C ILE A 194 48.68 36.54 34.67
N LYS A 195 48.04 37.53 34.07
CA LYS A 195 47.68 38.73 34.83
C LYS A 195 46.73 38.42 36.00
N THR A 196 45.62 37.75 35.73
CA THR A 196 44.58 37.57 36.76
C THR A 196 45.12 36.83 37.98
N MET A 197 45.93 35.78 37.76
CA MET A 197 46.49 34.98 38.85
C MET A 197 47.74 35.61 39.44
N LYS A 198 48.17 36.77 38.93
CA LYS A 198 49.39 37.44 39.36
C LYS A 198 50.63 36.53 39.22
N PHE A 199 50.67 35.62 38.27
CA PHE A 199 51.90 34.83 38.06
C PHE A 199 53.10 35.73 37.72
N TYR A 200 52.86 36.87 37.06
CA TYR A 200 53.94 37.81 36.79
C TYR A 200 54.57 38.32 38.08
N GLU A 201 53.88 38.17 39.21
CA GLU A 201 54.41 38.64 40.48
C GLU A 201 55.55 37.75 40.96
N VAL A 202 55.54 36.47 40.56
CA VAL A 202 56.51 35.46 40.98
C VAL A 202 57.17 34.80 39.78
N GLN A 203 57.21 35.54 38.67
CA GLN A 203 57.87 35.11 37.44
C GLN A 203 58.49 36.35 36.80
N LYS A 204 59.81 36.37 36.67
CA LYS A 204 60.51 37.57 36.17
C LYS A 204 60.56 37.61 34.65
N ASN A 205 60.22 36.49 34.01
CA ASN A 205 60.35 36.37 32.55
C ASN A 205 59.04 35.86 31.95
N LEU A 206 58.75 36.40 30.79
CA LEU A 206 57.71 35.98 29.86
C LEU A 206 58.37 35.71 28.53
N ALA A 207 58.13 34.52 27.98
CA ALA A 207 58.61 34.14 26.66
C ALA A 207 57.40 33.98 25.75
N MET A 208 57.46 34.65 24.58
CA MET A 208 56.38 34.59 23.58
C MET A 208 56.58 33.35 22.69
N THR A 209 56.29 32.18 23.28
CA THR A 209 56.39 30.89 22.62
C THR A 209 55.27 30.64 21.62
N HIS A 210 54.10 31.21 21.83
CA HIS A 210 53.00 31.09 20.88
C HIS A 210 52.67 29.62 20.61
N HIS A 211 52.85 28.75 21.61
CA HIS A 211 52.84 27.31 21.36
C HIS A 211 51.45 26.73 21.19
N ILE A 212 50.42 27.39 21.72
CA ILE A 212 49.06 26.83 21.66
C ILE A 212 48.13 27.99 21.41
N VAL A 213 47.52 28.02 20.22
CA VAL A 213 46.53 29.03 19.79
C VAL A 213 45.11 28.46 19.97
N ASN A 214 44.27 29.20 20.69
CA ASN A 214 42.89 28.82 21.00
C ASN A 214 41.88 29.60 20.17
N ASP A 215 40.70 29.00 20.03
CA ASP A 215 39.57 29.60 19.34
C ASP A 215 38.33 29.27 20.17
N GLN A 216 37.18 29.78 19.73
CA GLN A 216 35.89 29.23 20.16
C GLN A 216 35.04 29.18 18.92
N MET A 217 34.59 28.00 18.52
CA MET A 217 33.62 27.90 17.45
C MET A 217 32.25 28.27 17.99
N VAL A 218 31.46 28.97 17.20
CA VAL A 218 30.08 29.19 17.54
C VAL A 218 29.24 28.19 16.77
N ILE A 219 28.43 27.42 17.49
CA ILE A 219 27.75 26.24 16.95
C ILE A 219 26.27 26.38 17.23
N ILE A 220 25.45 26.11 16.21
CA ILE A 220 24.01 26.08 16.32
C ILE A 220 23.51 24.67 16.01
N SER A 221 22.53 24.26 16.80
CA SER A 221 21.87 22.98 16.61
C SER A 221 21.25 22.93 15.23
N GLU A 222 21.50 21.85 14.51
CA GLU A 222 20.98 21.75 13.15
C GLU A 222 19.46 21.68 13.16
N SER A 223 18.88 21.08 14.20
CA SER A 223 17.42 21.04 14.27
C SER A 223 16.84 22.45 14.33
N THR A 224 17.45 23.33 15.13
CA THR A 224 17.04 24.73 15.13
C THR A 224 17.18 25.35 13.75
N TRP A 225 18.37 25.24 13.16
CA TRP A 225 18.66 25.87 11.88
C TRP A 225 17.68 25.53 10.77
N GLN A 226 17.36 24.23 10.63
CA GLN A 226 16.40 23.81 9.62
C GLN A 226 15.02 24.44 9.86
N LYS A 227 14.64 24.63 11.13
CA LYS A 227 13.37 25.26 11.46
C LYS A 227 13.30 26.74 11.03
N LEU A 228 14.45 27.40 10.81
CA LEU A 228 14.48 28.84 10.56
C LEU A 228 14.26 29.20 9.09
N SER A 229 13.75 30.40 8.90
CA SER A 229 13.61 30.94 7.56
C SER A 229 14.98 31.31 7.04
N ASP A 230 15.08 31.43 5.72
CA ASP A 230 16.36 31.76 5.12
C ASP A 230 16.81 33.16 5.48
N THR A 231 15.89 34.11 5.64
CA THR A 231 16.33 35.43 6.06
C THR A 231 16.83 35.38 7.49
N ASP A 232 16.13 34.67 8.37
CA ASP A 232 16.61 34.51 9.75
C ASP A 232 17.96 33.82 9.80
N LYS A 233 18.18 32.82 8.92
CA LYS A 233 19.49 32.19 8.85
C LYS A 233 20.59 33.22 8.54
N ASP A 234 20.30 34.10 7.58
CA ASP A 234 21.28 35.10 7.15
C ASP A 234 21.56 36.11 8.26
N ILE A 235 20.53 36.55 8.98
CA ILE A 235 20.74 37.49 10.08
C ILE A 235 21.67 36.87 11.10
N ILE A 236 21.46 35.59 11.40
CA ILE A 236 22.30 34.91 12.38
C ILE A 236 23.72 34.76 11.86
N GLN A 237 23.86 34.19 10.65
CA GLN A 237 25.18 34.07 10.03
C GLN A 237 25.95 35.39 10.10
N LYS A 238 25.34 36.47 9.61
CA LYS A 238 25.99 37.78 9.58
C LYS A 238 26.33 38.29 10.99
N ALA A 239 25.40 38.15 11.93
CA ALA A 239 25.65 38.68 13.28
C ALA A 239 26.81 37.94 13.95
N VAL A 240 26.83 36.62 13.82
CA VAL A 240 27.91 35.82 14.41
C VAL A 240 29.26 36.25 13.85
N GLN A 241 29.34 36.50 12.54
CA GLN A 241 30.62 36.90 11.93
C GLN A 241 30.98 38.32 12.35
N LYS A 242 30.00 39.21 12.41
CA LYS A 242 30.26 40.57 12.86
C LYS A 242 30.77 40.59 14.29
N VAL A 243 30.10 39.88 15.18
CA VAL A 243 30.54 39.82 16.57
C VAL A 243 31.86 39.08 16.71
N GLY A 244 32.11 38.08 15.85
CA GLY A 244 33.40 37.38 15.91
C GLY A 244 34.57 38.27 15.51
N ASP A 245 34.39 39.10 14.48
CA ASP A 245 35.46 40.06 14.15
C ASP A 245 35.75 40.94 15.35
N ALA A 246 34.70 41.37 16.07
CA ALA A 246 34.94 42.23 17.24
C ALA A 246 35.55 41.45 18.40
N HIS A 247 35.09 40.20 18.59
CA HIS A 247 35.69 39.31 19.58
C HIS A 247 37.19 39.13 19.34
N THR A 248 37.53 38.78 18.11
CA THR A 248 38.91 38.51 17.73
C THR A 248 39.79 39.74 17.92
N GLN A 249 39.30 40.89 17.50
CA GLN A 249 40.06 42.11 17.71
C GLN A 249 40.22 42.40 19.18
N THR A 250 39.18 42.15 19.99
CA THR A 250 39.27 42.40 21.43
C THR A 250 40.35 41.57 22.07
N VAL A 251 40.40 40.27 21.75
CA VAL A 251 41.42 39.40 22.32
C VAL A 251 42.83 39.85 21.87
N LYS A 252 43.01 40.13 20.57
CA LYS A 252 44.35 40.55 20.09
C LYS A 252 44.82 41.83 20.78
N THR A 253 43.93 42.81 20.83
CA THR A 253 44.22 44.08 21.49
C THR A 253 44.59 43.88 22.95
N GLN A 254 43.84 43.04 23.67
CA GLN A 254 44.13 42.85 25.08
C GLN A 254 45.48 42.19 25.28
N GLU A 255 45.85 41.23 24.42
CA GLU A 255 47.15 40.60 24.50
C GLU A 255 48.26 41.63 24.32
N ALA A 256 48.15 42.44 23.26
CA ALA A 256 49.17 43.48 23.03
C ALA A 256 49.29 44.44 24.22
N GLU A 257 48.16 44.96 24.72
CA GLU A 257 48.19 45.76 25.95
C GLU A 257 48.89 45.01 27.09
N LEU A 258 48.64 43.69 27.23
CA LEU A 258 49.18 42.96 28.40
C LEU A 258 50.68 42.73 28.29
N VAL A 259 51.18 42.38 27.10
CA VAL A 259 52.63 42.34 26.89
C VAL A 259 53.27 43.70 27.18
N SER A 260 52.75 44.77 26.57
CA SER A 260 53.21 46.12 26.92
C SER A 260 53.22 46.34 28.42
N PHE A 261 52.12 45.99 29.10
CA PHE A 261 52.03 46.19 30.53
C PHE A 261 53.13 45.42 31.26
N PHE A 262 53.34 44.16 30.89
CA PHE A 262 54.35 43.34 31.56
C PHE A 262 55.74 43.94 31.39
N LYS A 263 56.05 44.42 30.18
CA LYS A 263 57.34 45.08 29.98
C LYS A 263 57.46 46.29 30.89
N SER A 264 56.41 47.12 30.92
CA SER A 264 56.43 48.30 31.79
C SER A 264 56.48 47.93 33.26
N GLU A 265 56.09 46.70 33.62
CA GLU A 265 56.16 46.29 35.02
C GLU A 265 57.50 45.69 35.39
N GLY A 266 58.47 45.70 34.47
CA GLY A 266 59.74 45.08 34.76
C GLY A 266 59.79 43.59 34.54
N ILE A 267 58.80 43.02 33.81
CA ILE A 267 58.88 41.63 33.37
C ILE A 267 59.80 41.60 32.15
N ASN A 268 60.68 40.62 32.12
CA ASN A 268 61.59 40.45 30.99
C ASN A 268 60.91 39.61 29.91
N VAL A 269 60.64 40.20 28.76
CA VAL A 269 59.85 39.54 27.70
C VAL A 269 60.77 39.10 26.57
N THR A 270 60.86 37.78 26.35
CA THR A 270 61.66 37.29 25.23
C THR A 270 60.80 36.84 24.07
N TYR A 271 61.49 36.56 22.94
CA TYR A 271 60.86 36.22 21.65
C TYR A 271 61.72 35.19 20.94
N PRO A 272 61.67 33.96 21.40
CA PRO A 272 62.53 32.96 20.79
C PRO A 272 62.10 32.67 19.35
N ASP A 273 63.06 32.22 18.57
CA ASP A 273 62.77 31.73 17.24
C ASP A 273 61.93 30.47 17.43
N LEU A 274 60.88 30.32 16.61
CA LEU A 274 59.89 29.27 16.81
C LEU A 274 60.04 28.11 15.84
N GLU A 275 60.76 28.26 14.74
CA GLU A 275 60.97 27.11 13.87
C GLU A 275 61.64 25.98 14.63
N PRO A 276 62.61 26.23 15.50
CA PRO A 276 63.12 25.15 16.36
C PRO A 276 62.05 24.42 17.15
N PHE A 277 61.01 25.11 17.59
CA PHE A 277 59.93 24.44 18.33
C PHE A 277 59.06 23.62 17.38
N ARG A 278 58.65 24.21 16.25
CA ARG A 278 57.92 23.45 15.24
C ARG A 278 58.68 22.19 14.86
N GLU A 279 60.02 22.30 14.73
CA GLU A 279 60.87 21.17 14.37
C GLU A 279 60.90 20.15 15.48
N ALA A 280 60.89 20.63 16.73
CA ALA A 280 60.92 19.72 17.88
C ALA A 280 59.61 18.98 18.06
N MET A 281 58.53 19.50 17.47
CA MET A 281 57.21 18.88 17.53
C MET A 281 57.04 17.76 16.52
N GLN A 282 57.97 17.64 15.58
CA GLN A 282 57.85 16.64 14.52
C GLN A 282 57.56 15.24 15.03
N PRO A 283 58.23 14.74 16.06
CA PRO A 283 57.92 13.37 16.54
C PRO A 283 56.44 13.17 16.82
N LEU A 284 55.82 14.12 17.51
CA LEU A 284 54.40 14.05 17.80
C LEU A 284 53.57 14.19 16.54
N TYR A 285 53.95 15.09 15.63
CA TYR A 285 53.18 15.24 14.39
C TYR A 285 53.08 13.91 13.66
N LYS A 286 54.20 13.21 13.46
CA LYS A 286 54.18 11.99 12.64
C LYS A 286 53.54 10.84 13.39
N GLU A 287 53.68 10.81 14.72
CA GLU A 287 52.90 9.88 15.53
C GLU A 287 51.40 10.10 15.33
N PHE A 288 50.96 11.36 15.38
CA PHE A 288 49.55 11.64 15.13
C PHE A 288 49.16 11.22 13.72
N ASP A 289 49.96 11.61 12.70
CA ASP A 289 49.65 11.25 11.33
C ASP A 289 49.57 9.73 11.15
N SER A 290 50.27 8.97 12.00
CA SER A 290 50.26 7.52 11.91
C SER A 290 49.02 6.92 12.55
N ASN A 291 48.73 7.29 13.80
CA ASN A 291 47.55 6.78 14.48
C ASN A 291 46.26 7.18 13.78
N ILE A 292 46.33 8.18 12.89
CA ILE A 292 45.17 8.54 12.05
C ILE A 292 45.26 7.87 10.70
N GLY A 293 46.42 7.33 10.33
CA GLY A 293 46.55 6.61 9.08
C GLY A 293 46.47 7.50 7.87
N GLN A 294 47.00 8.71 7.95
CA GLN A 294 46.92 9.61 6.83
C GLN A 294 47.68 10.90 7.13
N PRO A 295 48.36 11.47 6.15
CA PRO A 295 49.05 12.74 6.41
C PRO A 295 48.09 13.90 6.55
N ILE A 296 47.86 14.28 7.81
CA ILE A 296 47.00 15.40 8.16
C ILE A 296 47.83 16.62 8.51
N VAL A 297 48.74 16.44 9.46
CA VAL A 297 49.36 17.58 10.12
C VAL A 297 50.16 18.42 9.14
N SER A 298 51.06 17.78 8.37
CA SER A 298 51.96 18.55 7.53
C SER A 298 51.19 19.44 6.57
N LYS A 299 50.07 18.93 6.02
CA LYS A 299 49.24 19.77 5.18
C LYS A 299 48.72 20.96 5.95
N LEU A 300 48.19 20.71 7.16
CA LEU A 300 47.70 21.81 7.98
C LEU A 300 48.83 22.78 8.29
N ALA A 301 49.98 22.23 8.72
CA ALA A 301 51.13 23.07 9.06
C ALA A 301 51.54 23.96 7.92
N ALA A 302 51.32 23.50 6.68
CA ALA A 302 51.73 24.26 5.50
C ALA A 302 50.78 25.37 5.11
N MET A 303 49.54 25.35 5.60
CA MET A 303 48.54 26.30 5.10
C MET A 303 48.92 27.71 5.46
N MET B 3 -28.92 -29.25 -57.74
CA MET B 3 -28.52 -28.13 -56.84
C MET B 3 -27.42 -28.58 -55.86
N GLY B 4 -27.42 -29.86 -55.52
CA GLY B 4 -26.63 -30.36 -54.43
C GLY B 4 -27.44 -30.44 -53.14
N ALA B 5 -26.84 -31.12 -52.15
CA ALA B 5 -27.53 -31.37 -50.90
C ALA B 5 -27.42 -30.17 -49.98
N THR B 6 -28.58 -29.65 -49.57
CA THR B 6 -28.67 -28.70 -48.47
C THR B 6 -28.37 -29.39 -47.14
N THR B 7 -27.30 -28.97 -46.45
CA THR B 7 -27.01 -29.45 -45.10
C THR B 7 -27.39 -28.38 -44.06
N LEU B 8 -28.46 -28.64 -43.32
CA LEU B 8 -28.84 -27.81 -42.17
C LEU B 8 -28.08 -28.23 -40.91
N LYS B 9 -27.86 -27.27 -40.04
CA LYS B 9 -27.25 -27.53 -38.74
C LYS B 9 -28.28 -27.44 -37.60
N MET B 10 -28.24 -28.44 -36.70
CA MET B 10 -29.06 -28.45 -35.48
C MET B 10 -28.17 -28.51 -34.25
N GLY B 11 -28.45 -27.64 -33.27
CA GLY B 11 -27.73 -27.64 -32.01
C GLY B 11 -28.66 -28.03 -30.88
N MET B 12 -28.10 -28.66 -29.84
CA MET B 12 -28.88 -29.07 -28.69
C MET B 12 -27.97 -29.22 -27.49
N GLN B 13 -28.51 -28.88 -26.32
CA GLN B 13 -27.80 -29.09 -25.05
C GLN B 13 -27.75 -30.58 -24.70
N ALA B 14 -28.72 -31.36 -25.16
CA ALA B 14 -28.82 -32.76 -24.79
C ALA B 14 -27.71 -33.55 -25.47
N SER B 15 -27.39 -34.71 -24.87
CA SER B 15 -26.30 -35.55 -25.36
C SER B 15 -26.78 -36.88 -25.92
N VAL B 16 -25.85 -37.55 -26.60
CA VAL B 16 -26.10 -38.86 -27.21
C VAL B 16 -26.64 -39.76 -26.15
N GLY B 17 -27.71 -40.50 -26.47
CA GLY B 17 -28.36 -41.41 -25.53
C GLY B 17 -29.63 -40.87 -24.89
N SER B 18 -29.95 -39.60 -25.10
CA SER B 18 -31.12 -38.97 -24.49
C SER B 18 -32.25 -39.01 -25.49
N VAL B 19 -33.46 -38.84 -24.99
CA VAL B 19 -34.61 -38.82 -25.86
C VAL B 19 -34.52 -37.67 -26.85
N GLU B 20 -34.07 -36.49 -26.39
CA GLU B 20 -33.96 -35.34 -27.29
C GLU B 20 -32.97 -35.58 -28.42
N TYR B 21 -31.84 -36.25 -28.14
CA TYR B 21 -30.87 -36.56 -29.19
C TYR B 21 -31.42 -37.60 -30.15
N ASN B 22 -32.04 -38.66 -29.61
CA ASN B 22 -32.62 -39.69 -30.47
C ASN B 22 -33.71 -39.11 -31.35
N SER B 23 -34.45 -38.16 -30.83
CA SER B 23 -35.49 -37.54 -31.64
C SER B 23 -34.87 -36.69 -32.74
N ALA B 24 -33.77 -35.99 -32.42
CA ALA B 24 -33.10 -35.17 -33.41
C ALA B 24 -32.47 -36.05 -34.49
N LYS B 25 -31.84 -37.15 -34.10
CA LYS B 25 -31.29 -38.09 -35.09
C LYS B 25 -32.38 -38.69 -35.97
N MET B 26 -33.56 -39.00 -35.40
CA MET B 26 -34.68 -39.48 -36.20
C MET B 26 -35.16 -38.38 -37.16
N LEU B 27 -35.12 -37.11 -36.72
CA LEU B 27 -35.41 -36.01 -37.64
C LEU B 27 -34.36 -35.96 -38.77
N ALA B 28 -33.09 -36.03 -38.42
CA ALA B 28 -32.05 -36.08 -39.45
C ALA B 28 -32.28 -37.21 -40.44
N ASP B 29 -32.55 -38.41 -39.94
CA ASP B 29 -32.75 -39.55 -40.84
C ASP B 29 -34.02 -39.39 -41.67
N THR B 30 -35.08 -38.82 -41.10
CA THR B 30 -36.34 -38.69 -41.82
C THR B 30 -36.23 -37.68 -42.96
N LEU B 31 -35.67 -36.51 -42.69
CA LEU B 31 -35.44 -35.51 -43.74
C LEU B 31 -34.61 -36.08 -44.88
N GLU B 32 -33.49 -36.74 -44.55
CA GLU B 32 -32.67 -37.37 -45.59
C GLU B 32 -33.52 -38.30 -46.46
N GLU B 33 -34.38 -39.12 -45.85
CA GLU B 33 -35.24 -39.99 -46.65
C GLU B 33 -36.24 -39.19 -47.48
N MET B 34 -37.18 -38.47 -46.83
CA MET B 34 -38.23 -37.79 -47.58
C MET B 34 -37.71 -36.91 -48.72
N SER B 35 -36.46 -36.44 -48.63
CA SER B 35 -35.87 -35.55 -49.63
C SER B 35 -34.99 -36.28 -50.64
N GLN B 36 -34.82 -37.60 -50.50
CA GLN B 36 -33.94 -38.39 -51.36
C GLN B 36 -32.50 -37.87 -51.33
N GLY B 37 -32.11 -37.30 -50.20
CA GLY B 37 -30.74 -36.91 -49.95
C GLY B 37 -30.45 -35.44 -50.09
N GLU B 38 -31.42 -34.66 -50.53
CA GLU B 38 -31.20 -33.25 -50.83
C GLU B 38 -31.34 -32.35 -49.62
N ILE B 39 -31.81 -32.90 -48.50
CA ILE B 39 -31.75 -32.25 -47.20
C ILE B 39 -31.04 -33.20 -46.25
N LYS B 40 -29.88 -32.78 -45.75
CA LYS B 40 -29.22 -33.42 -44.65
C LYS B 40 -29.23 -32.51 -43.43
N LEU B 41 -28.96 -33.09 -42.27
CA LEU B 41 -29.04 -32.35 -41.02
C LEU B 41 -27.85 -32.80 -40.19
N ALA B 42 -26.91 -31.88 -39.95
CA ALA B 42 -25.80 -32.14 -39.07
C ALA B 42 -26.23 -31.81 -37.65
N LEU B 43 -25.85 -32.68 -36.70
CA LEU B 43 -26.22 -32.56 -35.30
C LEU B 43 -25.03 -32.15 -34.44
N TYR B 44 -25.25 -31.12 -33.61
CA TYR B 44 -24.23 -30.58 -32.69
C TYR B 44 -24.74 -30.72 -31.25
N PRO B 45 -24.50 -31.86 -30.61
CA PRO B 45 -25.08 -32.06 -29.27
C PRO B 45 -24.19 -31.58 -28.15
N SER B 46 -24.69 -31.74 -26.92
CA SER B 46 -23.94 -31.55 -25.70
C SER B 46 -23.50 -30.11 -25.49
N ALA B 47 -24.28 -29.13 -25.96
CA ALA B 47 -23.93 -27.72 -25.75
C ALA B 47 -22.60 -27.35 -26.42
N GLN B 48 -22.26 -28.09 -27.47
CA GLN B 48 -21.07 -27.86 -28.30
C GLN B 48 -21.03 -26.42 -28.83
N LEU B 49 -22.19 -25.85 -29.11
CA LEU B 49 -22.31 -24.49 -29.61
C LEU B 49 -22.76 -23.49 -28.54
N GLY B 50 -22.74 -23.90 -27.27
CA GLY B 50 -23.19 -23.10 -26.15
C GLY B 50 -24.52 -23.57 -25.61
N ASP B 51 -25.10 -22.75 -24.71
CA ASP B 51 -26.39 -23.08 -24.10
C ASP B 51 -27.53 -22.69 -25.04
N ASP B 52 -28.76 -22.89 -24.56
CA ASP B 52 -29.89 -22.70 -25.47
C ASP B 52 -30.02 -21.23 -25.89
N ARG B 53 -29.65 -20.27 -25.02
CA ARG B 53 -29.78 -18.87 -25.42
C ARG B 53 -28.69 -18.53 -26.44
N ALA B 54 -27.51 -19.12 -26.29
CA ALA B 54 -26.48 -18.92 -27.29
C ALA B 54 -26.88 -19.51 -28.64
N MET B 55 -27.50 -20.71 -28.67
CA MET B 55 -27.86 -21.28 -29.96
C MET B 55 -28.98 -20.50 -30.63
N LEU B 56 -29.98 -20.10 -29.85
CA LEU B 56 -31.00 -19.22 -30.41
C LEU B 56 -30.38 -17.95 -31.05
N GLN B 57 -29.42 -17.35 -30.38
CA GLN B 57 -28.69 -16.23 -30.94
C GLN B 57 -28.06 -16.60 -32.27
N GLN B 58 -27.56 -17.84 -32.38
CA GLN B 58 -27.03 -18.26 -33.67
C GLN B 58 -28.13 -18.36 -34.73
N LEU B 59 -29.31 -18.88 -34.35
CA LEU B 59 -30.43 -18.87 -35.30
C LEU B 59 -30.78 -17.43 -35.71
N THR B 60 -30.77 -16.50 -34.76
CA THR B 60 -31.19 -15.12 -35.07
C THR B 60 -30.25 -14.51 -36.12
N LEU B 61 -28.98 -14.86 -36.07
CA LEU B 61 -28.02 -14.31 -37.02
C LEU B 61 -27.83 -15.21 -38.23
N GLY B 62 -28.52 -16.34 -38.28
CA GLY B 62 -28.42 -17.24 -39.41
C GLY B 62 -27.24 -18.18 -39.43
N ASP B 63 -26.48 -18.30 -38.33
CA ASP B 63 -25.32 -19.19 -38.26
C ASP B 63 -25.65 -20.63 -37.76
N LEU B 64 -26.86 -20.87 -37.31
CA LEU B 64 -27.32 -22.22 -36.96
C LEU B 64 -28.74 -22.30 -37.51
N ASP B 65 -29.13 -23.46 -38.01
CA ASP B 65 -30.44 -23.50 -38.64
C ASP B 65 -31.57 -23.94 -37.70
N ILE B 66 -31.33 -24.88 -36.78
CA ILE B 66 -32.40 -25.45 -35.98
C ILE B 66 -31.94 -25.64 -34.54
N THR B 67 -32.83 -25.35 -33.59
CA THR B 67 -32.54 -25.74 -32.22
C THR B 67 -33.84 -25.99 -31.46
N TYR B 68 -33.69 -26.44 -30.24
CA TYR B 68 -34.78 -26.57 -29.29
C TYR B 68 -34.85 -25.35 -28.38
N ALA B 69 -36.08 -24.99 -27.95
CA ALA B 69 -36.26 -24.08 -26.83
C ALA B 69 -37.68 -24.27 -26.29
N GLU B 70 -37.81 -24.13 -24.96
CA GLU B 70 -39.12 -24.30 -24.32
C GLU B 70 -40.04 -23.12 -24.64
N PHE B 71 -41.33 -23.41 -24.85
CA PHE B 71 -42.35 -22.37 -24.98
C PHE B 71 -42.18 -21.27 -23.92
N GLY B 72 -42.31 -21.63 -22.65
CA GLY B 72 -42.23 -20.65 -21.58
C GLY B 72 -40.89 -19.94 -21.54
N ARG B 73 -39.84 -20.58 -22.02
CA ARG B 73 -38.52 -19.94 -22.02
C ARG B 73 -38.56 -18.64 -22.83
N MET B 74 -39.51 -18.52 -23.75
CA MET B 74 -39.63 -17.29 -24.50
C MET B 74 -39.96 -16.10 -23.59
N GLY B 75 -40.44 -16.37 -22.37
CA GLY B 75 -40.80 -15.31 -21.45
C GLY B 75 -39.64 -14.43 -21.07
N LEU B 76 -38.41 -14.91 -21.24
CA LEU B 76 -37.26 -14.08 -20.95
C LEU B 76 -37.22 -12.84 -21.84
N TRP B 77 -37.78 -12.93 -23.05
CA TRP B 77 -37.63 -11.94 -24.11
C TRP B 77 -38.97 -11.45 -24.64
N ILE B 78 -40.04 -12.20 -24.40
CA ILE B 78 -41.43 -11.90 -24.73
C ILE B 78 -42.22 -12.16 -23.46
N PRO B 79 -42.32 -11.19 -22.58
CA PRO B 79 -42.78 -11.46 -21.21
C PRO B 79 -44.07 -12.24 -21.04
N ARG B 80 -45.08 -11.99 -21.87
CA ARG B 80 -46.35 -12.67 -21.66
C ARG B 80 -46.24 -14.17 -21.90
N ALA B 81 -45.23 -14.61 -22.64
CA ALA B 81 -45.02 -16.04 -22.87
C ALA B 81 -44.70 -16.77 -21.57
N GLU B 82 -44.18 -16.05 -20.59
CA GLU B 82 -43.94 -16.72 -19.31
C GLU B 82 -45.21 -17.40 -18.78
N ALA B 83 -46.39 -16.91 -19.14
CA ALA B 83 -47.62 -17.42 -18.51
C ALA B 83 -47.71 -18.92 -18.62
N VAL B 84 -47.22 -19.49 -19.73
CA VAL B 84 -47.40 -20.93 -19.97
C VAL B 84 -46.49 -21.79 -19.12
N MET B 85 -45.58 -21.19 -18.35
CA MET B 85 -44.76 -21.96 -17.42
C MET B 85 -44.99 -21.54 -15.97
N LEU B 86 -45.97 -20.71 -15.68
CA LEU B 86 -46.41 -20.60 -14.29
C LEU B 86 -47.00 -21.95 -13.88
N PRO B 87 -46.75 -22.42 -12.66
CA PRO B 87 -47.22 -23.76 -12.31
C PRO B 87 -48.74 -23.86 -12.39
N TYR B 88 -49.18 -25.00 -12.86
CA TYR B 88 -50.57 -25.44 -13.00
C TYR B 88 -51.33 -24.72 -14.10
N VAL B 89 -50.71 -23.81 -14.87
CA VAL B 89 -51.47 -23.15 -15.93
C VAL B 89 -51.86 -24.17 -17.02
N ALA B 90 -50.88 -24.94 -17.51
CA ALA B 90 -51.12 -26.02 -18.45
C ALA B 90 -51.44 -27.27 -17.65
N LYS B 91 -52.64 -27.83 -17.87
CA LYS B 91 -53.09 -29.00 -17.14
C LYS B 91 -52.43 -30.28 -17.64
N ASP B 92 -52.14 -30.35 -18.94
CA ASP B 92 -51.46 -31.48 -19.56
C ASP B 92 -50.85 -30.97 -20.88
N PHE B 93 -50.26 -31.88 -21.65
CA PHE B 93 -49.56 -31.42 -22.86
C PHE B 93 -50.55 -30.99 -23.95
N ASP B 94 -51.62 -31.75 -24.13
CA ASP B 94 -52.64 -31.31 -25.07
C ASP B 94 -53.05 -29.87 -24.77
N HIS B 95 -53.15 -29.51 -23.48
CA HIS B 95 -53.47 -28.14 -23.11
C HIS B 95 -52.38 -27.17 -23.56
N LEU B 96 -51.12 -27.51 -23.29
CA LEU B 96 -50.00 -26.67 -23.72
C LEU B 96 -50.04 -26.47 -25.24
N ARG B 97 -50.35 -27.54 -25.97
CA ARG B 97 -50.38 -27.44 -27.42
C ARG B 97 -51.51 -26.53 -27.87
N ARG B 98 -52.67 -26.64 -27.25
CA ARG B 98 -53.75 -25.70 -27.56
C ARG B 98 -53.31 -24.26 -27.36
N MET B 99 -52.60 -23.98 -26.27
CA MET B 99 -52.09 -22.62 -26.07
C MET B 99 -51.19 -22.17 -27.22
N PHE B 100 -50.42 -23.09 -27.82
CA PHE B 100 -49.43 -22.79 -28.85
C PHE B 100 -50.09 -22.49 -30.18
N GLU B 101 -51.26 -23.05 -30.42
CA GLU B 101 -52.05 -22.83 -31.62
C GLU B 101 -53.13 -21.80 -31.40
N SER B 102 -53.24 -21.28 -30.18
CA SER B 102 -54.17 -20.22 -29.86
C SER B 102 -53.73 -18.89 -30.45
N ASP B 103 -54.67 -17.94 -30.49
CA ASP B 103 -54.34 -16.59 -30.96
C ASP B 103 -53.14 -16.05 -30.18
N PHE B 104 -53.13 -16.31 -28.87
CA PHE B 104 -52.00 -15.94 -28.01
C PHE B 104 -50.72 -16.63 -28.46
N GLY B 105 -50.79 -17.94 -28.72
CA GLY B 105 -49.63 -18.67 -29.19
C GLY B 105 -49.15 -18.19 -30.55
N GLN B 106 -50.08 -17.96 -31.48
CA GLN B 106 -49.71 -17.35 -32.75
C GLN B 106 -49.10 -15.97 -32.54
N GLY B 107 -49.53 -15.25 -31.51
CA GLY B 107 -49.02 -13.91 -31.34
C GLY B 107 -47.62 -13.91 -30.78
N VAL B 108 -47.36 -14.85 -29.87
CA VAL B 108 -46.00 -15.02 -29.36
C VAL B 108 -45.07 -15.56 -30.46
N ARG B 109 -45.55 -16.47 -31.29
CA ARG B 109 -44.71 -17.01 -32.35
C ARG B 109 -44.43 -15.94 -33.41
N ASP B 110 -45.43 -15.08 -33.66
CA ASP B 110 -45.24 -13.96 -34.56
C ASP B 110 -44.12 -13.05 -34.04
N GLU B 111 -44.17 -12.68 -32.76
CA GLU B 111 -43.12 -11.84 -32.19
C GLU B 111 -41.75 -12.51 -32.27
N MET B 112 -41.72 -13.82 -31.95
CA MET B 112 -40.51 -14.61 -32.10
C MET B 112 -39.91 -14.44 -33.48
N LEU B 113 -40.79 -14.52 -34.49
CA LEU B 113 -40.36 -14.46 -35.87
C LEU B 113 -39.81 -13.10 -36.24
N GLN B 114 -40.61 -12.04 -36.03
CA GLN B 114 -40.22 -10.72 -36.50
C GLN B 114 -39.05 -10.17 -35.69
N LYS B 115 -39.12 -10.27 -34.35
CA LYS B 115 -38.09 -9.68 -33.50
C LYS B 115 -36.77 -10.43 -33.58
N PHE B 116 -36.83 -11.77 -33.54
CA PHE B 116 -35.62 -12.55 -33.31
C PHE B 116 -35.40 -13.62 -34.37
N ASN B 117 -36.17 -13.63 -35.44
CA ASN B 117 -35.89 -14.49 -36.57
C ASN B 117 -36.05 -15.96 -36.23
N TRP B 118 -36.95 -16.27 -35.29
CA TRP B 118 -37.18 -17.63 -34.83
C TRP B 118 -38.52 -18.07 -35.39
N ARG B 119 -38.50 -19.13 -36.20
CA ARG B 119 -39.73 -19.72 -36.70
C ARG B 119 -40.04 -20.99 -35.93
N ALA B 120 -41.07 -20.94 -35.08
CA ALA B 120 -41.50 -22.11 -34.33
C ALA B 120 -42.20 -23.08 -35.25
N LEU B 121 -41.65 -24.28 -35.42
CA LEU B 121 -42.25 -25.25 -36.32
C LEU B 121 -43.27 -26.17 -35.62
N ASP B 122 -43.19 -26.35 -34.30
CA ASP B 122 -43.91 -27.44 -33.62
C ASP B 122 -43.51 -27.39 -32.15
N THR B 123 -44.38 -27.95 -31.31
CA THR B 123 -44.06 -28.15 -29.89
C THR B 123 -44.15 -29.64 -29.59
N TRP B 124 -43.21 -30.14 -28.80
CA TRP B 124 -43.07 -31.53 -28.48
C TRP B 124 -43.15 -31.69 -26.98
N TYR B 125 -43.92 -32.68 -26.54
CA TYR B 125 -44.11 -32.90 -25.11
C TYR B 125 -42.81 -33.37 -24.52
N ASN B 126 -42.41 -32.82 -23.39
CA ASN B 126 -41.11 -33.23 -22.86
C ASN B 126 -41.15 -33.61 -21.40
N GLY B 127 -42.33 -33.89 -20.86
CA GLY B 127 -42.42 -34.47 -19.53
C GLY B 127 -43.05 -33.50 -18.54
N THR B 128 -43.49 -34.07 -17.42
CA THR B 128 -44.15 -33.30 -16.36
C THR B 128 -43.41 -33.53 -15.07
N ARG B 129 -43.15 -32.47 -14.33
CA ARG B 129 -42.46 -32.57 -13.05
C ARG B 129 -43.45 -33.07 -11.99
N GLU B 130 -42.93 -33.89 -11.07
CA GLU B 130 -43.71 -34.53 -10.02
C GLU B 130 -42.90 -34.39 -8.73
N THR B 131 -43.45 -34.82 -7.60
CA THR B 131 -42.90 -34.45 -6.30
C THR B 131 -42.61 -35.69 -5.45
N THR B 132 -41.34 -35.84 -5.04
CA THR B 132 -41.00 -36.90 -4.11
C THR B 132 -40.95 -36.37 -2.67
N SER B 133 -41.10 -37.27 -1.71
CA SER B 133 -40.97 -36.83 -0.33
C SER B 133 -40.71 -38.01 0.62
N ASN B 134 -40.24 -37.66 1.80
CA ASN B 134 -40.02 -38.64 2.85
C ASN B 134 -41.28 -38.93 3.68
N ARG B 135 -42.45 -38.42 3.28
CA ARG B 135 -43.73 -38.74 3.89
C ARG B 135 -44.80 -38.59 2.84
N PRO B 136 -45.93 -39.28 2.97
CA PRO B 136 -46.92 -39.27 1.89
C PRO B 136 -47.61 -37.93 1.78
N LEU B 137 -47.90 -37.53 0.54
CA LEU B 137 -48.56 -36.28 0.21
C LEU B 137 -49.85 -36.63 -0.53
N ASN B 138 -50.96 -36.61 0.21
CA ASN B 138 -52.23 -36.97 -0.32
C ASN B 138 -53.13 -35.80 -0.57
N SER B 139 -52.78 -34.62 -0.03
CA SER B 139 -53.49 -33.41 -0.37
C SER B 139 -52.55 -32.22 -0.20
N ILE B 140 -52.94 -31.08 -0.79
CA ILE B 140 -52.19 -29.83 -0.64
C ILE B 140 -51.88 -29.56 0.82
N GLU B 141 -52.73 -30.05 1.70
CA GLU B 141 -52.53 -29.81 3.11
C GLU B 141 -51.26 -30.45 3.64
N ASP B 142 -50.85 -31.60 3.08
CA ASP B 142 -49.64 -32.26 3.54
C ASP B 142 -48.39 -31.47 3.23
N PHE B 143 -48.49 -30.41 2.43
CA PHE B 143 -47.34 -29.59 2.07
C PHE B 143 -46.94 -28.63 3.16
N LYS B 144 -47.76 -28.39 4.18
CA LYS B 144 -47.35 -27.47 5.22
C LYS B 144 -46.18 -28.08 5.98
N GLY B 145 -45.17 -27.28 6.25
CA GLY B 145 -44.01 -27.81 6.93
C GLY B 145 -43.06 -28.63 6.07
N LEU B 146 -43.32 -28.80 4.79
CA LEU B 146 -42.53 -29.68 3.92
C LEU B 146 -41.32 -28.88 3.40
N LYS B 147 -40.12 -29.26 3.82
CA LYS B 147 -38.89 -28.67 3.28
C LYS B 147 -38.67 -29.23 1.89
N LEU B 148 -39.08 -28.49 0.87
CA LEU B 148 -39.12 -28.96 -0.51
C LEU B 148 -37.94 -28.38 -1.27
N ARG B 149 -36.96 -29.22 -1.58
CA ARG B 149 -35.87 -28.73 -2.43
C ARG B 149 -36.41 -28.32 -3.79
N VAL B 150 -35.83 -27.24 -4.31
CA VAL B 150 -36.25 -26.66 -5.59
C VAL B 150 -35.01 -26.11 -6.30
N PRO B 151 -34.91 -26.23 -7.64
CA PRO B 151 -33.87 -25.45 -8.32
C PRO B 151 -34.10 -23.99 -8.03
N ASN B 152 -33.02 -23.20 -8.10
CA ASN B 152 -33.15 -21.76 -7.95
C ASN B 152 -33.79 -21.20 -9.21
N ALA B 153 -35.08 -21.44 -9.40
CA ALA B 153 -35.81 -20.94 -10.56
C ALA B 153 -37.13 -20.38 -10.09
N LYS B 154 -37.49 -19.19 -10.61
CA LYS B 154 -38.64 -18.43 -10.11
C LYS B 154 -39.88 -19.31 -9.94
N GLN B 155 -40.34 -19.94 -11.03
CA GLN B 155 -41.63 -20.62 -10.99
C GLN B 155 -41.56 -21.90 -10.16
N ASN B 156 -40.39 -22.53 -10.03
CA ASN B 156 -40.25 -23.66 -9.13
C ASN B 156 -40.35 -23.21 -7.67
N LEU B 157 -39.73 -22.08 -7.34
CA LEU B 157 -39.91 -21.47 -6.03
C LEU B 157 -41.36 -21.16 -5.75
N ASN B 158 -42.08 -20.65 -6.74
CA ASN B 158 -43.47 -20.29 -6.56
C ASN B 158 -44.32 -21.52 -6.27
N TYR B 159 -44.07 -22.62 -6.98
CA TYR B 159 -44.78 -23.87 -6.73
C TYR B 159 -44.69 -24.24 -5.27
N ALA B 160 -43.46 -24.35 -4.77
CA ALA B 160 -43.29 -24.73 -3.37
C ALA B 160 -43.95 -23.72 -2.45
N LYS B 161 -43.78 -22.44 -2.73
CA LYS B 161 -44.18 -21.41 -1.80
C LYS B 161 -45.68 -21.35 -1.72
N LEU B 162 -46.33 -21.31 -2.88
CA LEU B 162 -47.77 -21.16 -2.98
C LEU B 162 -48.51 -22.44 -2.59
N SER B 163 -47.84 -23.59 -2.66
CA SER B 163 -48.46 -24.80 -2.11
C SER B 163 -48.37 -24.88 -0.59
N GLY B 164 -47.65 -23.97 0.06
CA GLY B 164 -47.54 -23.98 1.51
C GLY B 164 -46.32 -24.64 2.05
N ALA B 165 -45.47 -25.16 1.18
CA ALA B 165 -44.24 -25.80 1.60
C ALA B 165 -43.20 -24.74 1.91
N SER B 166 -42.06 -25.18 2.41
CA SER B 166 -40.93 -24.33 2.74
C SER B 166 -39.86 -24.46 1.65
N PRO B 167 -39.87 -23.58 0.65
CA PRO B 167 -38.91 -23.71 -0.46
C PRO B 167 -37.47 -23.71 0.02
N THR B 168 -36.67 -24.60 -0.57
CA THR B 168 -35.30 -24.84 -0.15
C THR B 168 -34.47 -24.95 -1.42
N PRO B 169 -34.14 -23.82 -2.04
CA PRO B 169 -33.25 -23.87 -3.21
C PRO B 169 -31.94 -24.55 -2.86
N MET B 170 -31.42 -25.31 -3.81
CA MET B 170 -30.25 -26.12 -3.52
C MET B 170 -29.68 -26.60 -4.85
N SER B 171 -28.36 -26.61 -4.94
CA SER B 171 -27.72 -27.09 -6.17
C SER B 171 -28.10 -28.55 -6.41
N PHE B 172 -28.41 -28.87 -7.67
CA PHE B 172 -28.82 -30.22 -8.04
C PHE B 172 -27.85 -31.24 -7.48
N SER B 173 -26.59 -30.85 -7.37
CA SER B 173 -25.52 -31.77 -6.99
C SER B 173 -25.59 -32.20 -5.53
N GLU B 174 -26.31 -31.45 -4.70
CA GLU B 174 -26.44 -31.72 -3.27
C GLU B 174 -27.71 -32.49 -2.94
N VAL B 175 -28.61 -32.67 -3.92
CA VAL B 175 -29.96 -33.09 -3.61
C VAL B 175 -29.98 -34.50 -3.03
N TYR B 176 -29.35 -35.47 -3.70
CA TYR B 176 -29.47 -36.87 -3.24
C TYR B 176 -29.13 -37.00 -1.76
N LEU B 177 -28.02 -36.40 -1.33
CA LEU B 177 -27.62 -36.50 0.08
C LEU B 177 -28.62 -35.78 1.00
N ALA B 178 -29.16 -34.65 0.54
CA ALA B 178 -30.10 -33.93 1.38
C ALA B 178 -31.40 -34.71 1.56
N LEU B 179 -31.75 -35.56 0.58
CA LEU B 179 -32.90 -36.45 0.71
C LEU B 179 -32.59 -37.58 1.68
N GLN B 180 -31.48 -38.25 1.42
CA GLN B 180 -31.05 -39.41 2.20
C GLN B 180 -30.95 -39.10 3.68
N THR B 181 -30.47 -37.89 4.02
CA THR B 181 -30.23 -37.51 5.41
C THR B 181 -31.40 -36.75 6.02
N ASN B 182 -32.45 -36.51 5.25
CA ASN B 182 -33.61 -35.74 5.70
C ASN B 182 -33.24 -34.33 6.08
N ALA B 183 -32.10 -33.82 5.58
CA ALA B 183 -31.85 -32.38 5.61
C ALA B 183 -33.01 -31.65 4.96
N VAL B 184 -33.55 -32.22 3.87
CA VAL B 184 -34.74 -31.76 3.15
C VAL B 184 -35.74 -32.92 3.14
N ASP B 185 -37.01 -32.61 2.92
CA ASP B 185 -38.06 -33.62 2.95
C ASP B 185 -38.51 -34.09 1.56
N GLY B 186 -38.12 -33.38 0.50
CA GLY B 186 -38.44 -33.86 -0.83
C GLY B 186 -37.88 -32.97 -1.90
N GLN B 187 -38.21 -33.34 -3.14
CA GLN B 187 -37.79 -32.54 -4.29
C GLN B 187 -38.83 -32.75 -5.36
N GLU B 188 -38.68 -32.01 -6.47
CA GLU B 188 -39.56 -32.16 -7.63
C GLU B 188 -38.75 -32.16 -8.92
N ASN B 189 -39.11 -33.04 -9.83
CA ASN B 189 -38.36 -33.20 -11.07
C ASN B 189 -39.18 -34.12 -11.98
N PRO B 190 -38.83 -34.23 -13.26
CA PRO B 190 -39.46 -35.25 -14.11
C PRO B 190 -39.13 -36.66 -13.64
N LEU B 191 -40.03 -37.60 -13.96
CA LEU B 191 -39.81 -38.99 -13.56
C LEU B 191 -38.48 -39.54 -14.06
N PRO B 192 -38.08 -39.35 -15.32
CA PRO B 192 -36.77 -39.90 -15.75
C PRO B 192 -35.59 -39.45 -14.92
N THR B 193 -35.56 -38.17 -14.50
CA THR B 193 -34.51 -37.65 -13.62
C THR B 193 -34.53 -38.34 -12.27
N ILE B 194 -35.74 -38.52 -11.72
CA ILE B 194 -35.90 -39.19 -10.44
C ILE B 194 -35.29 -40.59 -10.52
N LYS B 195 -35.49 -41.26 -11.65
CA LYS B 195 -34.92 -42.59 -11.86
C LYS B 195 -33.40 -42.50 -12.03
N THR B 196 -32.95 -41.64 -12.93
CA THR B 196 -31.51 -41.57 -13.24
C THR B 196 -30.67 -41.18 -12.03
N MET B 197 -31.15 -40.23 -11.20
CA MET B 197 -30.44 -39.80 -10.00
C MET B 197 -30.70 -40.70 -8.81
N LYS B 198 -31.45 -41.79 -9.03
CA LYS B 198 -31.84 -42.72 -7.97
C LYS B 198 -32.47 -42.01 -6.76
N PHE B 199 -33.15 -40.87 -6.99
CA PHE B 199 -33.82 -40.21 -5.87
C PHE B 199 -34.84 -41.14 -5.20
N TYR B 200 -35.44 -42.07 -5.96
CA TYR B 200 -36.37 -43.05 -5.40
C TYR B 200 -35.69 -43.98 -4.42
N GLU B 201 -34.36 -44.03 -4.41
CA GLU B 201 -33.67 -44.82 -3.41
C GLU B 201 -33.74 -44.15 -2.05
N VAL B 202 -34.03 -42.84 -2.02
CA VAL B 202 -33.91 -42.09 -0.78
C VAL B 202 -35.19 -41.30 -0.55
N GLN B 203 -36.25 -41.64 -1.29
CA GLN B 203 -37.57 -41.04 -1.14
C GLN B 203 -38.59 -42.17 -1.13
N LYS B 204 -39.25 -42.40 -0.01
CA LYS B 204 -40.22 -43.49 0.05
C LYS B 204 -41.51 -43.14 -0.68
N ASN B 205 -41.72 -41.87 -1.07
CA ASN B 205 -42.98 -41.46 -1.67
C ASN B 205 -42.78 -40.69 -2.97
N LEU B 206 -43.79 -40.82 -3.83
CA LEU B 206 -43.97 -40.03 -5.03
C LEU B 206 -45.40 -39.52 -5.10
N ALA B 207 -45.56 -38.21 -5.28
CA ALA B 207 -46.85 -37.60 -5.54
C ALA B 207 -46.93 -37.12 -6.98
N MET B 208 -48.05 -37.43 -7.64
CA MET B 208 -48.34 -37.03 -9.01
C MET B 208 -48.97 -35.64 -9.01
N THR B 209 -48.13 -34.65 -8.73
CA THR B 209 -48.64 -33.28 -8.61
C THR B 209 -48.84 -32.58 -9.95
N HIS B 210 -48.21 -33.05 -11.03
CA HIS B 210 -48.42 -32.53 -12.38
C HIS B 210 -48.32 -31.00 -12.43
N HIS B 211 -47.40 -30.44 -11.65
CA HIS B 211 -47.40 -28.99 -11.45
C HIS B 211 -46.71 -28.22 -12.57
N ILE B 212 -45.86 -28.85 -13.36
CA ILE B 212 -45.12 -28.12 -14.40
C ILE B 212 -45.00 -29.03 -15.60
N VAL B 213 -45.67 -28.67 -16.70
CA VAL B 213 -45.64 -29.43 -17.94
C VAL B 213 -44.62 -28.79 -18.88
N ASN B 214 -43.68 -29.62 -19.37
CA ASN B 214 -42.56 -29.18 -20.19
C ASN B 214 -42.76 -29.55 -21.66
N ASP B 215 -42.28 -28.69 -22.54
CA ASP B 215 -42.27 -28.93 -23.98
C ASP B 215 -40.88 -28.65 -24.54
N GLN B 216 -40.70 -28.93 -25.84
CA GLN B 216 -39.59 -28.38 -26.59
C GLN B 216 -40.17 -27.93 -27.92
N MET B 217 -40.02 -26.65 -28.23
CA MET B 217 -40.30 -26.21 -29.58
C MET B 217 -39.11 -26.52 -30.49
N VAL B 218 -39.41 -26.85 -31.72
CA VAL B 218 -38.40 -26.96 -32.77
C VAL B 218 -38.45 -25.67 -33.57
N ILE B 219 -37.37 -24.89 -33.45
CA ILE B 219 -37.19 -23.57 -34.02
C ILE B 219 -36.23 -23.68 -35.21
N ILE B 220 -36.60 -23.09 -36.35
CA ILE B 220 -35.69 -22.90 -37.48
C ILE B 220 -35.46 -21.40 -37.76
N SER B 221 -34.20 -21.07 -37.99
CA SER B 221 -33.79 -19.73 -38.35
C SER B 221 -34.57 -19.19 -39.54
N GLU B 222 -35.07 -17.94 -39.42
CA GLU B 222 -35.93 -17.40 -40.49
C GLU B 222 -35.10 -17.06 -41.72
N SER B 223 -33.84 -16.72 -41.56
CA SER B 223 -33.01 -16.57 -42.76
C SER B 223 -32.78 -17.91 -43.45
N THR B 224 -32.60 -18.98 -42.69
CA THR B 224 -32.54 -20.30 -43.30
C THR B 224 -33.83 -20.59 -44.05
N TRP B 225 -34.98 -20.37 -43.40
CA TRP B 225 -36.26 -20.76 -43.99
C TRP B 225 -36.57 -20.01 -45.29
N GLN B 226 -36.28 -18.70 -45.35
CA GLN B 226 -36.54 -17.93 -46.56
C GLN B 226 -35.62 -18.30 -47.74
N LYS B 227 -34.56 -19.06 -47.49
CA LYS B 227 -33.67 -19.51 -48.54
C LYS B 227 -34.07 -20.84 -49.11
N LEU B 228 -35.18 -21.42 -48.66
CA LEU B 228 -35.57 -22.78 -49.00
C LEU B 228 -36.73 -22.78 -49.99
N SER B 229 -36.84 -23.85 -50.77
CA SER B 229 -37.95 -23.98 -51.69
C SER B 229 -39.20 -24.38 -50.93
N ASP B 230 -40.36 -24.19 -51.58
CA ASP B 230 -41.63 -24.60 -50.98
C ASP B 230 -41.70 -26.13 -50.84
N THR B 231 -41.07 -26.84 -51.76
CA THR B 231 -40.90 -28.29 -51.67
C THR B 231 -40.20 -28.66 -50.37
N ASP B 232 -39.03 -28.09 -50.13
CA ASP B 232 -38.22 -28.45 -48.97
C ASP B 232 -38.80 -27.90 -47.67
N LYS B 233 -39.50 -26.76 -47.72
CA LYS B 233 -40.21 -26.29 -46.54
C LYS B 233 -41.23 -27.34 -46.10
N ASP B 234 -42.01 -27.85 -47.05
CA ASP B 234 -43.05 -28.84 -46.75
C ASP B 234 -42.44 -30.10 -46.18
N ILE B 235 -41.35 -30.58 -46.77
CA ILE B 235 -40.65 -31.76 -46.26
C ILE B 235 -40.27 -31.57 -44.81
N ILE B 236 -39.67 -30.42 -44.51
CA ILE B 236 -39.29 -30.11 -43.13
C ILE B 236 -40.50 -30.06 -42.21
N GLN B 237 -41.57 -29.42 -42.65
CA GLN B 237 -42.72 -29.28 -41.77
C GLN B 237 -43.30 -30.64 -41.45
N LYS B 238 -43.38 -31.51 -42.46
CA LYS B 238 -43.96 -32.84 -42.29
C LYS B 238 -43.07 -33.74 -41.44
N ALA B 239 -41.77 -33.73 -41.69
CA ALA B 239 -40.84 -34.51 -40.89
C ALA B 239 -40.86 -34.10 -39.42
N VAL B 240 -40.99 -32.80 -39.16
CA VAL B 240 -40.96 -32.29 -37.78
C VAL B 240 -42.19 -32.76 -37.03
N GLN B 241 -43.36 -32.68 -37.66
CA GLN B 241 -44.59 -33.12 -37.01
C GLN B 241 -44.57 -34.62 -36.74
N LYS B 242 -44.04 -35.42 -37.68
CA LYS B 242 -44.03 -36.87 -37.50
C LYS B 242 -43.08 -37.29 -36.40
N VAL B 243 -41.85 -36.74 -36.41
CA VAL B 243 -40.89 -37.05 -35.34
C VAL B 243 -41.42 -36.53 -34.01
N GLY B 244 -42.11 -35.40 -34.04
CA GLY B 244 -42.69 -34.88 -32.82
C GLY B 244 -43.77 -35.80 -32.26
N ASP B 245 -44.62 -36.33 -33.11
CA ASP B 245 -45.60 -37.30 -32.61
C ASP B 245 -44.91 -38.48 -31.94
N ALA B 246 -43.85 -39.01 -32.58
CA ALA B 246 -43.09 -40.09 -31.99
C ALA B 246 -42.43 -39.65 -30.68
N HIS B 247 -41.90 -38.42 -30.65
CA HIS B 247 -41.25 -37.92 -29.43
C HIS B 247 -42.24 -37.84 -28.26
N THR B 248 -43.40 -37.26 -28.50
CA THR B 248 -44.43 -37.11 -27.48
C THR B 248 -44.96 -38.46 -26.96
N GLN B 249 -45.21 -39.41 -27.85
CA GLN B 249 -45.61 -40.73 -27.41
C GLN B 249 -44.50 -41.38 -26.59
N THR B 250 -43.25 -41.29 -27.08
CA THR B 250 -42.11 -41.83 -26.34
C THR B 250 -42.08 -41.30 -24.92
N VAL B 251 -42.25 -40.00 -24.76
CA VAL B 251 -42.16 -39.45 -23.40
C VAL B 251 -43.37 -39.88 -22.55
N LYS B 252 -44.56 -39.94 -23.12
CA LYS B 252 -45.75 -40.38 -22.38
C LYS B 252 -45.63 -41.84 -21.91
N THR B 253 -45.30 -42.75 -22.85
CA THR B 253 -45.03 -44.15 -22.53
C THR B 253 -43.96 -44.31 -21.46
N GLN B 254 -42.84 -43.59 -21.58
CA GLN B 254 -41.79 -43.73 -20.57
C GLN B 254 -42.28 -43.29 -19.19
N GLU B 255 -43.13 -42.27 -19.14
CA GLU B 255 -43.67 -41.82 -17.87
C GLU B 255 -44.54 -42.88 -17.23
N ALA B 256 -45.39 -43.52 -18.02
CA ALA B 256 -46.26 -44.55 -17.46
C ALA B 256 -45.46 -45.77 -17.04
N GLU B 257 -44.49 -46.17 -17.87
CA GLU B 257 -43.58 -47.22 -17.46
C GLU B 257 -42.89 -46.87 -16.14
N LEU B 258 -42.52 -45.59 -15.95
CA LEU B 258 -41.74 -45.23 -14.75
C LEU B 258 -42.61 -45.22 -13.50
N VAL B 259 -43.87 -44.80 -13.62
CA VAL B 259 -44.80 -44.89 -12.48
C VAL B 259 -45.01 -46.36 -12.10
N SER B 260 -45.29 -47.22 -13.06
CA SER B 260 -45.43 -48.63 -12.71
C SER B 260 -44.15 -49.15 -12.07
N PHE B 261 -42.99 -48.72 -12.58
CA PHE B 261 -41.73 -49.22 -12.05
C PHE B 261 -41.56 -48.81 -10.60
N PHE B 262 -41.90 -47.57 -10.28
CA PHE B 262 -41.81 -47.12 -8.88
C PHE B 262 -42.80 -47.86 -7.97
N LYS B 263 -44.07 -47.93 -8.35
CA LYS B 263 -45.02 -48.71 -7.54
C LYS B 263 -44.46 -50.11 -7.33
N SER B 264 -43.91 -50.67 -8.38
CA SER B 264 -43.37 -52.02 -8.28
C SER B 264 -42.14 -52.11 -7.42
N GLU B 265 -41.39 -51.03 -7.25
CA GLU B 265 -40.23 -50.99 -6.38
C GLU B 265 -40.59 -50.76 -4.91
N GLY B 266 -41.87 -50.62 -4.60
CA GLY B 266 -42.23 -50.26 -3.24
C GLY B 266 -42.23 -48.78 -2.96
N ILE B 267 -42.19 -47.95 -4.01
CA ILE B 267 -42.42 -46.53 -3.79
C ILE B 267 -43.90 -46.35 -3.51
N ASN B 268 -44.24 -45.48 -2.57
CA ASN B 268 -45.64 -45.15 -2.30
C ASN B 268 -46.03 -44.01 -3.21
N VAL B 269 -46.94 -44.26 -4.16
CA VAL B 269 -47.29 -43.33 -5.22
C VAL B 269 -48.68 -42.78 -4.94
N THR B 270 -48.77 -41.46 -4.64
CA THR B 270 -50.04 -40.83 -4.37
C THR B 270 -50.51 -39.96 -5.51
N TYR B 271 -51.79 -39.59 -5.42
CA TYR B 271 -52.46 -38.79 -6.44
C TYR B 271 -53.36 -37.78 -5.77
N PRO B 272 -52.80 -36.69 -5.28
CA PRO B 272 -53.64 -35.66 -4.67
C PRO B 272 -54.59 -35.04 -5.69
N ASP B 273 -55.74 -34.59 -5.19
CA ASP B 273 -56.58 -33.69 -5.98
C ASP B 273 -55.75 -32.45 -6.37
N LEU B 274 -55.84 -32.02 -7.62
CA LEU B 274 -55.05 -30.89 -8.14
C LEU B 274 -55.81 -29.56 -8.18
N GLU B 275 -57.14 -29.55 -8.09
CA GLU B 275 -57.83 -28.27 -8.07
C GLU B 275 -57.42 -27.42 -6.87
N PRO B 276 -57.25 -27.97 -5.66
CA PRO B 276 -56.68 -27.17 -4.57
C PRO B 276 -55.31 -26.57 -4.88
N PHE B 277 -54.54 -27.16 -5.78
CA PHE B 277 -53.26 -26.55 -6.15
C PHE B 277 -53.48 -25.42 -7.14
N ARG B 278 -54.35 -25.63 -8.17
CA ARG B 278 -54.62 -24.53 -9.10
C ARG B 278 -55.22 -23.34 -8.38
N GLU B 279 -56.13 -23.60 -7.43
CA GLU B 279 -56.69 -22.55 -6.60
C GLU B 279 -55.62 -21.80 -5.85
N ALA B 280 -54.65 -22.53 -5.27
CA ALA B 280 -53.61 -21.86 -4.50
C ALA B 280 -52.71 -20.98 -5.37
N MET B 281 -52.51 -21.31 -6.66
CA MET B 281 -51.67 -20.50 -7.53
C MET B 281 -52.33 -19.18 -7.94
N GLN B 282 -53.62 -19.03 -7.66
CA GLN B 282 -54.43 -17.84 -7.99
C GLN B 282 -53.76 -16.51 -7.72
N PRO B 283 -53.09 -16.32 -6.57
CA PRO B 283 -52.44 -15.02 -6.35
C PRO B 283 -51.31 -14.77 -7.32
N LEU B 284 -50.57 -15.82 -7.68
CA LEU B 284 -49.58 -15.67 -8.73
C LEU B 284 -50.25 -15.33 -10.06
N TYR B 285 -51.35 -16.01 -10.39
CA TYR B 285 -51.97 -15.78 -11.68
C TYR B 285 -52.43 -14.34 -11.81
N LYS B 286 -53.05 -13.81 -10.75
CA LYS B 286 -53.57 -12.45 -10.76
C LYS B 286 -52.44 -11.42 -10.69
N GLU B 287 -51.36 -11.71 -9.96
CA GLU B 287 -50.19 -10.84 -9.97
C GLU B 287 -49.58 -10.79 -11.36
N PHE B 288 -49.38 -11.96 -11.98
CA PHE B 288 -48.81 -11.96 -13.33
C PHE B 288 -49.68 -11.12 -14.26
N ASP B 289 -51.00 -11.21 -14.12
CA ASP B 289 -51.90 -10.51 -15.05
C ASP B 289 -51.91 -9.02 -14.78
N SER B 290 -51.54 -8.60 -13.57
CA SER B 290 -51.46 -7.19 -13.23
C SER B 290 -50.20 -6.59 -13.82
N ASN B 291 -49.04 -7.11 -13.39
CA ASN B 291 -47.76 -6.64 -13.89
C ASN B 291 -47.72 -6.58 -15.40
N ILE B 292 -48.60 -7.31 -16.09
CA ILE B 292 -48.59 -7.32 -17.54
C ILE B 292 -49.74 -6.55 -18.18
N GLY B 293 -50.82 -6.32 -17.45
CA GLY B 293 -51.88 -5.44 -17.93
C GLY B 293 -52.92 -6.10 -18.79
N GLN B 294 -53.22 -7.37 -18.57
CA GLN B 294 -54.03 -8.16 -19.50
C GLN B 294 -54.37 -9.49 -18.85
N PRO B 295 -55.49 -10.27 -19.34
CA PRO B 295 -55.98 -11.33 -18.48
C PRO B 295 -55.38 -12.63 -19.03
N ILE B 296 -54.05 -12.68 -19.14
CA ILE B 296 -53.45 -13.74 -19.91
C ILE B 296 -53.74 -15.09 -19.28
N VAL B 297 -53.42 -15.23 -17.99
CA VAL B 297 -53.39 -16.54 -17.36
C VAL B 297 -54.79 -17.12 -17.28
N SER B 298 -55.76 -16.34 -16.79
CA SER B 298 -57.11 -16.82 -16.62
C SER B 298 -57.65 -17.44 -17.90
N LYS B 299 -57.49 -16.74 -19.01
CA LYS B 299 -57.94 -17.28 -20.30
C LYS B 299 -57.10 -18.48 -20.75
N LEU B 300 -55.78 -18.48 -20.50
CA LEU B 300 -55.00 -19.65 -20.89
C LEU B 300 -55.44 -20.88 -20.09
N ALA B 301 -55.67 -20.71 -18.78
CA ALA B 301 -56.09 -21.83 -17.94
C ALA B 301 -57.40 -22.47 -18.39
N ALA B 302 -58.27 -21.70 -19.05
CA ALA B 302 -59.61 -22.14 -19.44
C ALA B 302 -59.69 -22.72 -20.85
N MET B 303 -58.59 -22.70 -21.61
CA MET B 303 -58.61 -23.30 -22.95
C MET B 303 -58.84 -24.79 -22.83
N GLN C 1 37.97 -2.37 18.66
CA GLN C 1 36.54 -2.33 18.24
C GLN C 1 35.66 -2.43 19.49
N VAL C 2 34.88 -1.40 19.80
CA VAL C 2 33.89 -1.51 20.88
C VAL C 2 32.95 -2.66 20.56
N GLN C 3 32.78 -3.58 21.50
CA GLN C 3 31.82 -4.66 21.38
C GLN C 3 30.87 -4.64 22.56
N LEU C 4 29.61 -4.93 22.29
CA LEU C 4 28.55 -4.93 23.28
C LEU C 4 27.83 -6.27 23.28
N VAL C 5 27.65 -6.86 24.47
CA VAL C 5 26.95 -8.13 24.62
C VAL C 5 25.83 -8.03 25.66
N GLU C 6 24.60 -8.28 25.23
CA GLU C 6 23.44 -8.21 26.10
C GLU C 6 23.14 -9.56 26.75
N SER C 7 22.74 -9.53 28.01
CA SER C 7 22.30 -10.71 28.72
C SER C 7 20.98 -10.43 29.42
N GLY C 8 20.30 -11.50 29.79
CA GLY C 8 19.18 -11.46 30.73
C GLY C 8 17.80 -11.66 30.13
N GLY C 9 17.67 -11.74 28.81
CA GLY C 9 16.36 -11.99 28.23
C GLY C 9 15.75 -13.25 28.81
N ARG C 10 14.44 -13.20 29.04
CA ARG C 10 13.64 -14.31 29.55
C ARG C 10 12.25 -14.22 28.93
N LEU C 11 11.41 -15.22 29.21
CA LEU C 11 9.96 -15.00 29.24
C LEU C 11 9.58 -14.71 30.69
N VAL C 12 8.67 -13.77 30.88
CA VAL C 12 8.33 -13.39 32.24
C VAL C 12 6.88 -12.91 32.30
N GLN C 13 6.36 -12.92 33.53
CA GLN C 13 4.99 -12.54 33.82
C GLN C 13 4.67 -11.18 33.24
N THR C 14 3.39 -10.97 32.93
CA THR C 14 2.86 -9.62 32.86
C THR C 14 2.79 -9.07 34.27
N GLY C 15 3.24 -7.83 34.45
CA GLY C 15 3.44 -7.26 35.76
C GLY C 15 4.73 -7.68 36.44
N GLY C 16 5.58 -8.46 35.74
CA GLY C 16 6.83 -8.92 36.30
C GLY C 16 7.99 -7.96 36.09
N SER C 17 9.07 -8.23 36.82
CA SER C 17 10.29 -7.44 36.80
C SER C 17 11.41 -8.25 36.14
N LEU C 18 12.21 -7.57 35.32
CA LEU C 18 13.34 -8.20 34.61
C LEU C 18 14.51 -7.23 34.54
N ARG C 19 15.71 -7.70 34.84
CA ARG C 19 16.93 -6.91 34.70
C ARG C 19 17.77 -7.45 33.54
N LEU C 20 17.98 -6.60 32.54
CA LEU C 20 18.94 -6.88 31.48
C LEU C 20 20.24 -6.16 31.76
N SER C 21 21.30 -6.71 31.20
CA SER C 21 22.65 -6.23 31.43
C SER C 21 23.36 -6.19 30.07
N CYS C 22 24.39 -5.36 30.02
CA CYS C 22 25.19 -5.22 28.81
C CYS C 22 26.64 -5.06 29.23
N ALA C 23 27.48 -5.91 28.67
CA ALA C 23 28.92 -5.87 28.90
C ALA C 23 29.51 -5.19 27.68
N ALA C 24 30.19 -4.07 27.90
CA ALA C 24 30.90 -3.32 26.88
C ALA C 24 32.38 -3.55 27.03
N SER C 25 33.05 -3.72 25.89
CA SER C 25 34.50 -3.81 25.86
C SER C 25 35.03 -2.99 24.69
N GLY C 26 36.33 -2.68 24.75
CA GLY C 26 37.08 -2.24 23.58
C GLY C 26 37.52 -0.79 23.53
N ASP C 27 37.21 0.01 24.54
CA ASP C 27 37.55 1.44 24.50
C ASP C 27 37.16 2.01 25.85
N THR C 28 37.54 3.25 26.08
CA THR C 28 37.19 3.90 27.32
C THR C 28 35.68 4.01 27.40
N PHE C 29 35.10 3.22 28.30
CA PHE C 29 33.66 3.14 28.48
C PHE C 29 33.03 4.50 28.68
N SER C 30 33.56 5.28 29.62
CA SER C 30 33.04 6.59 29.94
C SER C 30 33.12 7.63 28.84
N ASN C 31 33.65 7.29 27.68
CA ASN C 31 33.58 8.22 26.55
C ASN C 31 32.31 8.05 25.73
N TYR C 32 31.39 7.19 26.16
CA TYR C 32 30.27 6.77 25.32
C TYR C 32 28.97 6.82 26.11
N VAL C 33 27.97 7.49 25.53
CA VAL C 33 26.59 7.27 25.96
C VAL C 33 26.24 5.81 25.65
N MET C 34 25.41 5.21 26.52
CA MET C 34 24.97 3.83 26.40
C MET C 34 23.47 3.81 26.24
N GLY C 35 22.98 3.10 25.23
CA GLY C 35 21.55 3.04 24.96
C GLY C 35 20.98 1.64 24.89
N TRP C 36 19.70 1.53 25.20
CA TRP C 36 18.89 0.34 25.00
C TRP C 36 17.85 0.62 23.93
N PHE C 37 17.82 -0.20 22.90
CA PHE C 37 16.80 -0.21 21.87
C PHE C 37 16.08 -1.56 21.87
N ARG C 38 14.93 -1.60 21.19
CA ARG C 38 14.13 -2.82 21.12
C ARG C 38 13.39 -2.84 19.80
N GLN C 39 13.24 -4.03 19.23
CA GLN C 39 12.53 -4.21 17.97
C GLN C 39 11.61 -5.41 18.09
N ALA C 40 10.31 -5.16 17.99
CA ALA C 40 9.30 -6.20 18.02
C ALA C 40 9.07 -6.72 16.61
N PRO C 41 8.36 -7.86 16.47
CA PRO C 41 8.42 -8.57 15.19
C PRO C 41 7.90 -7.77 14.01
N GLY C 42 6.80 -7.02 14.20
CA GLY C 42 6.19 -6.29 13.10
C GLY C 42 6.59 -4.83 12.97
N LYS C 43 7.26 -4.32 14.00
CA LYS C 43 7.53 -2.90 14.12
C LYS C 43 9.01 -2.63 13.86
N GLU C 44 9.37 -1.35 13.84
CA GLU C 44 10.73 -0.93 13.56
C GLU C 44 11.49 -0.77 14.87
N ARG C 45 12.82 -0.82 14.76
CA ARG C 45 13.71 -0.60 15.90
C ARG C 45 13.40 0.72 16.62
N GLU C 46 13.33 0.66 17.92
CA GLU C 46 12.70 1.70 18.72
C GLU C 46 13.60 2.06 19.89
N PHE C 47 13.70 3.37 20.17
CA PHE C 47 14.46 3.82 21.31
C PHE C 47 13.73 3.44 22.60
N VAL C 48 14.51 3.16 23.65
CA VAL C 48 13.97 2.78 24.96
C VAL C 48 14.57 3.64 26.09
N ALA C 49 15.90 3.63 26.23
CA ALA C 49 16.57 4.45 27.23
C ALA C 49 18.01 4.71 26.83
N ALA C 50 18.61 5.67 27.53
CA ALA C 50 19.99 6.09 27.31
C ALA C 50 20.51 6.75 28.57
N ILE C 51 21.81 6.68 28.77
CA ILE C 51 22.44 7.21 29.97
C ILE C 51 23.75 7.92 29.61
N SER C 52 23.97 9.08 30.22
CA SER C 52 25.09 9.92 29.87
C SER C 52 26.38 9.30 30.37
N TRP C 53 27.51 9.85 29.88
CA TRP C 53 28.82 9.25 30.09
C TRP C 53 29.11 8.95 31.55
N THR C 54 28.70 9.85 32.46
CA THR C 54 28.90 9.68 33.88
C THR C 54 27.67 9.11 34.57
N GLY C 55 26.56 8.96 33.84
CA GLY C 55 25.27 8.67 34.48
C GLY C 55 24.53 9.86 35.06
N ALA C 56 25.09 11.07 34.92
CA ALA C 56 24.44 12.26 35.50
C ALA C 56 23.06 12.53 34.90
N ASN C 57 22.84 12.15 33.63
CA ASN C 57 21.60 12.40 32.92
C ASN C 57 21.15 11.13 32.23
N SER C 58 19.86 10.90 32.15
CA SER C 58 19.33 9.77 31.40
C SER C 58 18.08 10.19 30.65
N TYR C 59 17.72 9.37 29.65
CA TYR C 59 16.65 9.66 28.73
C TYR C 59 15.80 8.41 28.53
N TYR C 60 14.50 8.61 28.36
CA TYR C 60 13.56 7.49 28.28
C TYR C 60 12.55 7.70 27.16
N ALA C 61 12.16 6.60 26.52
CA ALA C 61 11.02 6.68 25.62
C ALA C 61 9.78 6.97 26.45
N ASP C 62 8.80 7.64 25.84
CA ASP C 62 7.55 7.85 26.57
C ASP C 62 6.94 6.51 26.98
N SER C 63 6.97 5.52 26.10
CA SER C 63 6.29 4.25 26.33
C SER C 63 6.81 3.47 27.54
N VAL C 64 7.90 3.91 28.19
CA VAL C 64 8.56 3.07 29.17
C VAL C 64 8.94 3.83 30.44
N ALA C 65 8.75 5.13 30.44
CA ALA C 65 9.23 5.96 31.55
C ALA C 65 8.44 5.70 32.82
N GLY C 66 9.12 5.85 33.95
CA GLY C 66 8.52 5.57 35.24
C GLY C 66 8.56 4.13 35.67
N ARG C 67 8.79 3.19 34.74
CA ARG C 67 8.90 1.79 35.08
C ARG C 67 10.19 1.12 34.64
N PHE C 68 10.90 1.66 33.65
CA PHE C 68 12.24 1.19 33.33
C PHE C 68 13.27 2.13 33.97
N THR C 69 14.44 1.59 34.27
CA THR C 69 15.50 2.37 34.88
C THR C 69 16.84 1.90 34.32
N ILE C 70 17.49 2.80 33.54
CA ILE C 70 18.82 2.56 32.98
C ILE C 70 19.85 3.04 33.99
N SER C 71 20.98 2.33 34.07
CA SER C 71 22.07 2.67 34.96
C SER C 71 23.37 2.12 34.39
N ARG C 72 24.50 2.56 34.92
CA ARG C 72 25.78 2.10 34.42
C ARG C 72 26.80 2.06 35.56
N ASP C 73 27.78 1.17 35.42
CA ASP C 73 28.88 1.02 36.37
C ASP C 73 30.17 1.23 35.58
N ASN C 74 30.70 2.45 35.64
CA ASN C 74 31.94 2.75 34.91
C ASN C 74 33.15 2.00 35.46
N ALA C 75 32.97 1.35 36.62
CA ALA C 75 34.00 0.47 37.18
C ALA C 75 33.91 -0.93 36.59
N LYS C 76 32.75 -1.35 36.13
CA LYS C 76 32.53 -2.69 35.59
C LYS C 76 32.31 -2.69 34.08
N ASN C 77 32.23 -1.51 33.47
CA ASN C 77 31.97 -1.38 32.04
C ASN C 77 30.69 -2.08 31.68
N THR C 78 29.68 -1.93 32.55
CA THR C 78 28.36 -2.50 32.34
C THR C 78 27.33 -1.39 32.27
N VAL C 79 26.27 -1.65 31.54
CA VAL C 79 25.05 -0.87 31.58
C VAL C 79 23.90 -1.85 31.75
N ALA C 80 22.89 -1.42 32.49
CA ALA C 80 21.77 -2.24 32.91
C ALA C 80 20.46 -1.55 32.58
N LEU C 81 19.42 -2.35 32.40
CA LEU C 81 18.06 -1.87 32.20
C LEU C 81 17.16 -2.66 33.17
N GLN C 82 16.75 -2.01 34.25
CA GLN C 82 15.78 -2.58 35.16
C GLN C 82 14.39 -2.27 34.63
N MET C 83 13.68 -3.29 34.19
CA MET C 83 12.32 -3.17 33.72
C MET C 83 11.38 -3.66 34.82
N ASN C 84 10.45 -2.81 35.22
CA ASN C 84 9.42 -3.17 36.18
C ASN C 84 8.05 -3.06 35.52
N SER C 85 7.08 -3.83 36.03
CA SER C 85 5.70 -3.75 35.57
C SER C 85 5.62 -3.97 34.05
N LEU C 86 6.22 -5.06 33.60
CA LEU C 86 6.25 -5.36 32.17
C LEU C 86 4.84 -5.55 31.61
N LYS C 87 4.70 -5.34 30.30
CA LYS C 87 3.41 -5.39 29.62
C LYS C 87 3.57 -6.02 28.25
N PRO C 88 2.59 -6.86 27.80
CA PRO C 88 2.79 -7.59 26.54
C PRO C 88 3.43 -6.82 25.38
N GLU C 89 3.14 -5.52 25.29
CA GLU C 89 3.68 -4.68 24.22
C GLU C 89 5.19 -4.45 24.36
N ASP C 90 5.74 -4.64 25.56
CA ASP C 90 7.18 -4.61 25.80
C ASP C 90 7.91 -5.75 25.11
N THR C 91 7.20 -6.72 24.55
CA THR C 91 7.83 -7.90 23.98
C THR C 91 8.61 -7.50 22.74
N ALA C 92 9.89 -7.90 22.70
CA ALA C 92 10.79 -7.57 21.59
C ALA C 92 12.20 -8.10 21.87
N ILE C 93 13.03 -8.06 20.83
CA ILE C 93 14.48 -8.17 21.03
C ILE C 93 15.00 -6.83 21.54
N TYR C 94 15.75 -6.84 22.65
CA TYR C 94 16.36 -5.64 23.23
C TYR C 94 17.86 -5.58 22.93
N TYR C 95 18.30 -4.41 22.45
CA TYR C 95 19.66 -4.22 21.97
C TYR C 95 20.40 -3.13 22.74
N CYS C 96 21.63 -3.42 23.12
CA CYS C 96 22.51 -2.44 23.74
C CYS C 96 23.26 -1.68 22.67
N ALA C 97 23.49 -0.39 22.89
CA ALA C 97 24.15 0.38 21.86
C ALA C 97 25.01 1.44 22.49
N ALA C 98 26.01 1.87 21.77
CA ALA C 98 26.92 2.87 22.28
C ALA C 98 27.20 3.92 21.22
N ASP C 99 27.34 5.17 21.67
CA ASP C 99 27.73 6.28 20.83
C ASP C 99 28.36 7.36 21.69
N HIS C 100 29.06 8.27 21.03
CA HIS C 100 29.66 9.36 21.79
C HIS C 100 28.58 10.26 22.39
N PHE C 101 27.51 10.47 21.65
CA PHE C 101 26.38 11.25 22.12
C PHE C 101 25.08 10.45 21.93
N HIS C 102 24.09 10.75 22.77
CA HIS C 102 22.74 10.25 22.52
C HIS C 102 22.23 10.96 21.28
N VAL C 103 21.65 10.23 20.35
CA VAL C 103 21.25 10.80 19.07
C VAL C 103 19.90 10.23 18.73
N THR C 104 19.02 11.06 18.12
CA THR C 104 17.72 10.63 17.64
C THR C 104 17.60 10.71 16.14
N HIS C 105 18.57 11.34 15.45
CA HIS C 105 18.47 11.52 14.02
C HIS C 105 19.24 10.47 13.23
N ARG C 106 19.75 9.43 13.88
CA ARG C 106 20.48 8.38 13.19
C ARG C 106 20.66 7.20 14.15
N LYS C 107 21.26 6.13 13.61
CA LYS C 107 21.63 4.96 14.42
C LYS C 107 22.81 5.31 15.32
N TYR C 108 22.84 4.73 16.51
CA TYR C 108 24.09 4.75 17.26
C TYR C 108 25.18 4.06 16.44
N ASP C 109 26.44 4.36 16.76
CA ASP C 109 27.55 3.78 16.01
C ASP C 109 27.60 2.26 16.20
N TYR C 110 27.52 1.80 17.45
CA TYR C 110 27.80 0.42 17.84
C TYR C 110 26.58 -0.26 18.47
N TRP C 111 26.50 -1.57 18.27
CA TRP C 111 25.33 -2.38 18.58
C TRP C 111 25.76 -3.77 19.03
N GLY C 112 25.13 -4.26 20.08
CA GLY C 112 25.17 -5.68 20.36
C GLY C 112 24.25 -6.41 19.42
N GLN C 113 24.11 -7.72 19.67
CA GLN C 113 23.27 -8.59 18.86
C GLN C 113 21.90 -8.82 19.49
N GLY C 114 21.76 -8.53 20.76
CA GLY C 114 20.43 -8.41 21.31
C GLY C 114 20.05 -9.62 22.13
N THR C 115 19.01 -9.44 22.94
CA THR C 115 18.50 -10.45 23.85
C THR C 115 16.97 -10.39 23.84
N GLN C 116 16.34 -11.55 23.77
CA GLN C 116 14.90 -11.65 23.58
C GLN C 116 14.20 -11.52 24.92
N VAL C 117 13.20 -10.65 24.98
CA VAL C 117 12.31 -10.56 26.12
C VAL C 117 10.89 -10.80 25.62
N THR C 118 10.14 -11.62 26.36
CA THR C 118 8.74 -11.88 26.10
C THR C 118 7.98 -11.78 27.41
N VAL C 119 6.86 -11.05 27.40
CA VAL C 119 5.97 -10.96 28.56
C VAL C 119 4.56 -11.35 28.13
N SER C 120 3.97 -12.30 28.85
CA SER C 120 2.64 -12.81 28.53
C SER C 120 2.04 -13.45 29.77
N SER C 121 0.77 -13.16 30.02
CA SER C 121 0.00 -13.86 31.07
C SER C 121 -1.43 -14.10 30.61
N GLN D 1 -37.91 -0.47 -19.81
CA GLN D 1 -37.24 0.76 -20.32
C GLN D 1 -35.79 0.88 -19.84
N VAL D 2 -34.92 0.92 -20.81
CA VAL D 2 -33.50 1.14 -20.59
C VAL D 2 -33.15 2.53 -21.10
N GLN D 3 -32.19 3.15 -20.46
CA GLN D 3 -31.63 4.38 -21.00
C GLN D 3 -30.13 4.17 -21.11
N LEU D 4 -29.56 4.68 -22.20
CA LEU D 4 -28.14 4.56 -22.49
C LEU D 4 -27.58 5.95 -22.67
N VAL D 5 -26.39 6.18 -22.14
CA VAL D 5 -25.67 7.45 -22.29
C VAL D 5 -24.22 7.18 -22.67
N GLU D 6 -23.83 7.65 -23.84
CA GLU D 6 -22.46 7.56 -24.31
C GLU D 6 -21.63 8.73 -23.80
N SER D 7 -20.34 8.47 -23.55
CA SER D 7 -19.41 9.54 -23.33
C SER D 7 -18.11 9.22 -24.05
N GLY D 8 -17.23 10.23 -24.11
CA GLY D 8 -15.86 10.06 -24.55
C GLY D 8 -15.54 10.63 -25.92
N GLY D 9 -16.55 11.06 -26.68
CA GLY D 9 -16.28 11.59 -28.00
C GLY D 9 -15.32 12.77 -27.95
N ARG D 10 -14.35 12.76 -28.87
CA ARG D 10 -13.30 13.79 -28.90
C ARG D 10 -12.83 13.99 -30.33
N LEU D 11 -11.98 14.98 -30.53
CA LEU D 11 -11.23 15.14 -31.77
C LEU D 11 -9.92 14.39 -31.57
N VAL D 12 -9.56 13.57 -32.54
CA VAL D 12 -8.31 12.82 -32.51
C VAL D 12 -7.52 13.02 -33.80
N GLN D 13 -6.19 12.98 -33.66
CA GLN D 13 -5.29 12.89 -34.80
C GLN D 13 -5.32 11.46 -35.35
N THR D 14 -5.16 11.34 -36.66
CA THR D 14 -5.01 10.03 -37.27
C THR D 14 -3.94 9.21 -36.54
N GLY D 15 -4.14 7.91 -36.49
CA GLY D 15 -3.24 7.02 -35.80
C GLY D 15 -3.40 6.95 -34.31
N GLY D 16 -4.18 7.89 -33.70
CA GLY D 16 -4.35 7.89 -32.26
C GLY D 16 -5.45 6.95 -31.75
N SER D 17 -5.57 6.88 -30.43
CA SER D 17 -6.51 6.01 -29.73
C SER D 17 -7.60 6.83 -29.03
N LEU D 18 -8.72 6.17 -28.72
CA LEU D 18 -9.84 6.80 -28.04
C LEU D 18 -10.76 5.74 -27.48
N ARG D 19 -11.12 5.87 -26.20
CA ARG D 19 -12.04 4.96 -25.54
C ARG D 19 -13.37 5.67 -25.30
N LEU D 20 -14.46 5.10 -25.82
CA LEU D 20 -15.80 5.54 -25.48
C LEU D 20 -16.38 4.63 -24.40
N SER D 21 -17.34 5.16 -23.63
CA SER D 21 -18.09 4.30 -22.74
C SER D 21 -19.58 4.63 -22.81
N CYS D 22 -20.36 3.66 -22.37
CA CYS D 22 -21.81 3.76 -22.36
C CYS D 22 -22.29 3.33 -20.99
N ALA D 23 -23.13 4.14 -20.40
CA ALA D 23 -23.71 3.88 -19.09
C ALA D 23 -25.14 3.45 -19.34
N ALA D 24 -25.50 2.28 -18.85
CA ALA D 24 -26.83 1.72 -19.03
C ALA D 24 -27.59 1.74 -17.71
N SER D 25 -28.87 2.05 -17.78
CA SER D 25 -29.70 2.08 -16.57
C SER D 25 -31.07 1.50 -16.88
N GLY D 26 -31.76 1.07 -15.83
CA GLY D 26 -33.19 0.84 -15.90
C GLY D 26 -33.66 -0.59 -16.06
N ASP D 27 -32.80 -1.57 -15.86
CA ASP D 27 -33.15 -2.96 -16.09
C ASP D 27 -31.89 -3.79 -15.92
N THR D 28 -32.01 -5.10 -15.90
CA THR D 28 -30.88 -6.00 -15.71
C THR D 28 -29.96 -5.89 -16.92
N PHE D 29 -28.79 -5.29 -16.71
CA PHE D 29 -27.79 -5.11 -17.77
C PHE D 29 -27.46 -6.42 -18.45
N SER D 30 -27.23 -7.46 -17.67
CA SER D 30 -26.84 -8.75 -18.22
C SER D 30 -27.93 -9.45 -19.02
N ASN D 31 -29.15 -8.93 -19.07
CA ASN D 31 -30.16 -9.47 -19.98
C ASN D 31 -30.07 -8.92 -21.40
N TYR D 32 -29.13 -8.02 -21.68
CA TYR D 32 -29.09 -7.30 -22.94
C TYR D 32 -27.73 -7.48 -23.58
N VAL D 33 -27.74 -7.71 -24.88
CA VAL D 33 -26.55 -7.54 -25.72
C VAL D 33 -26.36 -6.05 -25.92
N MET D 34 -25.14 -5.58 -25.76
CA MET D 34 -24.80 -4.17 -25.96
C MET D 34 -24.04 -4.01 -27.28
N GLY D 35 -24.42 -2.99 -28.05
CA GLY D 35 -23.77 -2.73 -29.32
C GLY D 35 -23.36 -1.29 -29.43
N TRP D 36 -22.36 -1.10 -30.30
CA TRP D 36 -21.95 0.22 -30.76
C TRP D 36 -22.23 0.29 -32.26
N PHE D 37 -22.88 1.36 -32.66
CA PHE D 37 -23.14 1.75 -34.03
C PHE D 37 -22.56 3.15 -34.27
N ARG D 38 -22.57 3.58 -35.53
CA ARG D 38 -22.05 4.90 -35.87
C ARG D 38 -22.71 5.37 -37.17
N GLN D 39 -22.88 6.68 -37.25
CA GLN D 39 -23.41 7.32 -38.46
C GLN D 39 -22.51 8.51 -38.77
N ALA D 40 -21.85 8.46 -39.95
CA ALA D 40 -21.18 9.61 -40.55
C ALA D 40 -22.16 10.33 -41.47
N PRO D 41 -21.87 11.56 -41.84
CA PRO D 41 -22.89 12.33 -42.57
C PRO D 41 -22.92 11.90 -44.03
N GLY D 42 -24.14 11.76 -44.56
CA GLY D 42 -24.34 11.25 -45.90
C GLY D 42 -24.57 9.77 -45.99
N LYS D 43 -24.31 9.04 -44.92
CA LYS D 43 -24.37 7.58 -44.88
C LYS D 43 -25.49 7.13 -43.95
N GLU D 44 -25.74 5.82 -43.99
CA GLU D 44 -26.67 5.17 -43.07
C GLU D 44 -25.95 4.78 -41.79
N ARG D 45 -26.74 4.50 -40.75
CA ARG D 45 -26.16 3.94 -39.53
C ARG D 45 -25.51 2.59 -39.83
N GLU D 46 -24.24 2.48 -39.46
CA GLU D 46 -23.40 1.29 -39.63
C GLU D 46 -23.24 0.61 -38.28
N PHE D 47 -23.18 -0.72 -38.28
CA PHE D 47 -22.80 -1.51 -37.10
C PHE D 47 -21.30 -1.41 -36.90
N VAL D 48 -20.87 -1.41 -35.63
CA VAL D 48 -19.44 -1.31 -35.32
C VAL D 48 -18.99 -2.52 -34.50
N ALA D 49 -19.64 -2.77 -33.36
CA ALA D 49 -19.33 -3.92 -32.50
C ALA D 49 -20.54 -4.21 -31.65
N ALA D 50 -20.57 -5.42 -31.13
CA ALA D 50 -21.56 -5.83 -30.12
C ALA D 50 -20.92 -6.88 -29.26
N ILE D 51 -21.44 -7.03 -28.06
CA ILE D 51 -20.90 -7.96 -27.07
C ILE D 51 -22.07 -8.67 -26.37
N SER D 52 -21.92 -9.97 -26.22
CA SER D 52 -22.98 -10.81 -25.65
C SER D 52 -23.11 -10.53 -24.16
N TRP D 53 -24.21 -11.08 -23.59
CA TRP D 53 -24.68 -10.74 -22.25
C TRP D 53 -23.60 -10.84 -21.18
N THR D 54 -22.82 -11.93 -21.21
CA THR D 54 -21.71 -12.16 -20.32
C THR D 54 -20.38 -11.72 -20.92
N GLY D 55 -20.40 -11.21 -22.15
CA GLY D 55 -19.16 -10.92 -22.82
C GLY D 55 -18.41 -12.11 -23.34
N ALA D 56 -19.00 -13.32 -23.31
CA ALA D 56 -18.27 -14.49 -23.83
C ALA D 56 -18.12 -14.47 -25.35
N ASN D 57 -19.03 -13.79 -26.07
CA ASN D 57 -18.93 -13.63 -27.51
C ASN D 57 -19.03 -12.15 -27.89
N SER D 58 -18.29 -11.78 -28.92
CA SER D 58 -18.34 -10.41 -29.44
C SER D 58 -18.40 -10.46 -30.95
N TYR D 59 -18.88 -9.36 -31.53
CA TYR D 59 -19.03 -9.23 -32.98
C TYR D 59 -18.45 -7.90 -33.42
N TYR D 60 -17.78 -7.91 -34.56
CA TYR D 60 -17.13 -6.72 -35.10
C TYR D 60 -17.38 -6.53 -36.58
N ALA D 61 -17.60 -5.28 -36.99
CA ALA D 61 -17.63 -4.94 -38.41
C ALA D 61 -16.26 -5.20 -38.99
N ASP D 62 -16.21 -5.65 -40.26
CA ASP D 62 -14.91 -5.91 -40.91
C ASP D 62 -14.07 -4.63 -40.98
N SER D 63 -14.71 -3.48 -41.19
CA SER D 63 -13.99 -2.21 -41.27
C SER D 63 -13.24 -1.84 -40.00
N VAL D 64 -13.64 -2.36 -38.85
CA VAL D 64 -13.01 -1.99 -37.58
C VAL D 64 -12.38 -3.17 -36.85
N ALA D 65 -12.57 -4.40 -37.33
CA ALA D 65 -11.96 -5.56 -36.68
C ALA D 65 -10.44 -5.44 -36.64
N GLY D 66 -9.87 -5.86 -35.51
CA GLY D 66 -8.45 -5.78 -35.32
C GLY D 66 -7.97 -4.53 -34.60
N ARG D 67 -8.64 -3.41 -34.80
CA ARG D 67 -8.25 -2.18 -34.12
C ARG D 67 -9.24 -1.68 -33.08
N PHE D 68 -10.53 -2.01 -33.20
CA PHE D 68 -11.45 -1.69 -32.10
C PHE D 68 -11.63 -2.93 -31.25
N THR D 69 -12.01 -2.71 -29.98
CA THR D 69 -12.33 -3.77 -29.04
C THR D 69 -13.53 -3.35 -28.19
N ILE D 70 -14.53 -4.22 -28.08
CA ILE D 70 -15.71 -3.95 -27.26
C ILE D 70 -15.59 -4.75 -25.97
N SER D 71 -15.90 -4.11 -24.86
CA SER D 71 -15.92 -4.78 -23.55
C SER D 71 -17.11 -4.25 -22.75
N ARG D 72 -17.47 -5.00 -21.71
CA ARG D 72 -18.58 -4.62 -20.85
C ARG D 72 -18.21 -5.02 -19.43
N ASP D 73 -18.76 -4.29 -18.47
CA ASP D 73 -18.50 -4.49 -17.05
C ASP D 73 -19.86 -4.66 -16.39
N ASN D 74 -20.22 -5.91 -16.09
CA ASN D 74 -21.52 -6.25 -15.54
C ASN D 74 -21.66 -5.89 -14.07
N ALA D 75 -20.54 -5.53 -13.42
CA ALA D 75 -20.60 -4.95 -12.08
C ALA D 75 -21.00 -3.48 -12.11
N LYS D 76 -20.69 -2.77 -13.18
CA LYS D 76 -20.88 -1.32 -13.21
C LYS D 76 -21.87 -0.87 -14.26
N ASN D 77 -22.44 -1.80 -15.03
CA ASN D 77 -23.49 -1.44 -15.99
C ASN D 77 -22.92 -0.56 -17.10
N THR D 78 -21.71 -0.87 -17.53
CA THR D 78 -21.06 -0.11 -18.58
C THR D 78 -20.60 -1.04 -19.69
N VAL D 79 -20.63 -0.51 -20.89
CA VAL D 79 -19.96 -1.11 -22.03
C VAL D 79 -19.02 -0.04 -22.57
N ALA D 80 -17.92 -0.51 -23.15
CA ALA D 80 -16.79 0.30 -23.57
C ALA D 80 -16.39 -0.04 -24.99
N LEU D 81 -15.93 0.97 -25.73
CA LEU D 81 -15.32 0.72 -27.03
C LEU D 81 -13.95 1.36 -27.09
N GLN D 82 -12.93 0.52 -27.19
CA GLN D 82 -11.55 0.96 -27.37
C GLN D 82 -11.27 1.05 -28.87
N MET D 83 -11.04 2.26 -29.38
CA MET D 83 -10.71 2.48 -30.78
C MET D 83 -9.23 2.76 -30.89
N ASN D 84 -8.50 1.89 -31.58
CA ASN D 84 -7.08 2.12 -31.85
C ASN D 84 -6.87 2.44 -33.31
N SER D 85 -5.71 3.04 -33.61
CA SER D 85 -5.28 3.25 -34.99
C SER D 85 -6.37 3.91 -35.82
N LEU D 86 -6.95 4.97 -35.26
CA LEU D 86 -8.08 5.64 -35.87
C LEU D 86 -7.69 6.25 -37.20
N LYS D 87 -8.69 6.47 -38.05
CA LYS D 87 -8.48 7.06 -39.37
C LYS D 87 -9.70 7.88 -39.71
N PRO D 88 -9.58 8.84 -40.62
CA PRO D 88 -10.71 9.73 -40.92
C PRO D 88 -11.98 9.03 -41.36
N GLU D 89 -11.89 7.81 -41.93
CA GLU D 89 -13.08 7.03 -42.23
C GLU D 89 -13.95 6.81 -41.00
N ASP D 90 -13.33 6.81 -39.82
CA ASP D 90 -13.99 6.52 -38.55
C ASP D 90 -14.76 7.71 -37.99
N THR D 91 -14.61 8.90 -38.57
CA THR D 91 -15.39 10.05 -38.15
C THR D 91 -16.89 9.77 -38.26
N ALA D 92 -17.60 9.98 -37.16
CA ALA D 92 -19.03 9.71 -37.08
C ALA D 92 -19.54 10.00 -35.68
N ILE D 93 -20.84 10.01 -35.55
CA ILE D 93 -21.46 9.95 -34.23
C ILE D 93 -21.56 8.48 -33.84
N TYR D 94 -20.96 8.12 -32.69
CA TYR D 94 -21.03 6.75 -32.17
C TYR D 94 -22.18 6.62 -31.19
N TYR D 95 -22.97 5.55 -31.36
CA TYR D 95 -24.21 5.33 -30.65
C TYR D 95 -24.13 4.02 -29.87
N CYS D 96 -24.56 4.06 -28.62
CA CYS D 96 -24.72 2.86 -27.82
C CYS D 96 -26.12 2.33 -28.04
N ALA D 97 -26.25 1.00 -28.12
CA ALA D 97 -27.57 0.41 -28.22
C ALA D 97 -27.67 -0.88 -27.43
N ALA D 98 -28.88 -1.24 -27.06
CA ALA D 98 -29.14 -2.44 -26.27
C ALA D 98 -30.28 -3.22 -26.90
N ASP D 99 -30.17 -4.53 -26.85
CA ASP D 99 -31.23 -5.42 -27.30
C ASP D 99 -31.02 -6.77 -26.61
N HIS D 100 -32.10 -7.50 -26.48
CA HIS D 100 -31.98 -8.82 -25.86
C HIS D 100 -31.00 -9.68 -26.64
N PHE D 101 -31.01 -9.57 -27.96
CA PHE D 101 -30.06 -10.28 -28.79
C PHE D 101 -29.37 -9.34 -29.78
N HIS D 102 -28.19 -9.76 -30.22
CA HIS D 102 -27.56 -9.15 -31.40
C HIS D 102 -28.41 -9.45 -32.63
N VAL D 103 -28.81 -8.41 -33.33
CA VAL D 103 -29.78 -8.52 -34.42
C VAL D 103 -29.26 -7.68 -35.58
N THR D 104 -29.35 -8.22 -36.80
CA THR D 104 -28.90 -7.50 -37.98
C THR D 104 -30.04 -7.17 -38.92
N HIS D 105 -31.14 -7.90 -38.84
CA HIS D 105 -32.27 -7.63 -39.72
C HIS D 105 -33.14 -6.49 -39.24
N ARG D 106 -32.80 -5.85 -38.13
CA ARG D 106 -33.60 -4.76 -37.61
C ARG D 106 -32.73 -3.92 -36.69
N LYS D 107 -33.26 -2.74 -36.29
CA LYS D 107 -32.53 -1.95 -35.30
C LYS D 107 -32.73 -2.53 -33.90
N TYR D 108 -31.68 -2.39 -33.09
CA TYR D 108 -31.80 -2.68 -31.66
C TYR D 108 -32.97 -1.90 -31.09
N ASP D 109 -33.53 -2.42 -29.99
CA ASP D 109 -34.68 -1.77 -29.36
C ASP D 109 -34.30 -0.42 -28.76
N TYR D 110 -33.15 -0.34 -28.06
CA TYR D 110 -32.78 0.83 -27.26
C TYR D 110 -31.49 1.45 -27.75
N TRP D 111 -31.47 2.79 -27.76
CA TRP D 111 -30.40 3.63 -28.27
C TRP D 111 -30.11 4.82 -27.36
N GLY D 112 -28.84 5.14 -27.17
CA GLY D 112 -28.42 6.40 -26.61
C GLY D 112 -28.58 7.52 -27.63
N GLN D 113 -28.10 8.72 -27.25
CA GLN D 113 -28.22 9.89 -28.13
C GLN D 113 -26.97 10.14 -28.95
N GLY D 114 -25.83 9.61 -28.53
CA GLY D 114 -24.63 9.57 -29.35
C GLY D 114 -23.49 10.37 -28.75
N THR D 115 -22.34 10.20 -29.36
CA THR D 115 -21.16 10.96 -29.02
C THR D 115 -20.35 11.14 -30.31
N GLN D 116 -19.94 12.38 -30.56
CA GLN D 116 -19.21 12.70 -31.79
C GLN D 116 -17.75 12.29 -31.69
N VAL D 117 -17.28 11.54 -32.67
CA VAL D 117 -15.87 11.26 -32.86
C VAL D 117 -15.47 11.87 -34.20
N THR D 118 -14.35 12.58 -34.21
CA THR D 118 -13.83 13.21 -35.43
C THR D 118 -12.33 12.94 -35.47
N VAL D 119 -11.89 12.30 -36.56
CA VAL D 119 -10.49 11.94 -36.79
C VAL D 119 -10.00 12.82 -37.94
N SER D 120 -8.97 13.63 -37.68
CA SER D 120 -8.50 14.62 -38.66
C SER D 120 -7.05 14.35 -39.04
N SER D 121 -6.72 14.68 -40.30
CA SER D 121 -5.38 14.52 -40.86
C SER D 121 -4.29 15.21 -40.04
N1 IMD E . 45.38 26.36 32.59
C2 IMD E . 45.96 25.36 33.25
N3 IMD E . 45.08 24.84 34.07
C4 IMD E . 43.93 25.54 33.97
C5 IMD E . 44.13 26.54 33.02
HN1 IMD E . 45.81 26.89 31.88
H2 IMD E . 46.89 25.07 33.13
HN3 IMD E . 45.23 24.06 34.66
H4 IMD E . 43.11 25.40 34.47
H5 IMD E . 43.49 27.22 32.73
C1 GOL F . 16.24 25.32 26.92
O1 GOL F . 16.88 24.76 28.12
C2 GOL F . 15.47 24.30 26.02
O2 GOL F . 14.49 23.56 26.76
C3 GOL F . 14.69 25.06 24.80
O3 GOL F . 15.61 25.64 23.83
H11 GOL F . 16.89 25.75 26.35
H12 GOL F . 15.60 26.01 27.16
HO1 GOL F . 16.97 23.91 28.00
H2 GOL F . 16.15 23.70 25.67
HO2 GOL F . 14.41 23.93 27.52
H31 GOL F . 14.11 25.73 25.21
H32 GOL F . 14.09 24.41 24.40
HO3 GOL F . 16.40 25.57 24.16
N1 IMD G . -33.86 -29.23 -12.47
C2 IMD G . -33.87 -29.85 -11.29
N3 IMD G . -32.85 -29.42 -10.55
C4 IMD G . -32.19 -28.49 -11.24
C5 IMD G . -32.85 -28.36 -12.45
HN1 IMD G . -34.49 -29.39 -13.20
H2 IMD G . -34.52 -30.52 -11.00
HN3 IMD G . -32.62 -29.74 -9.66
H4 IMD G . -31.40 -27.99 -10.94
H5 IMD G . -32.61 -27.75 -13.17
C1 PGE H . -53.86 -44.59 -13.17
O1 PGE H . -52.61 -45.27 -13.00
C2 PGE H . -53.87 -43.22 -12.47
O2 PGE H . -54.82 -43.12 -11.42
C3 PGE H . -55.73 -42.02 -11.54
C4 PGE H . -55.96 -41.37 -10.19
O4 PGE H . -57.45 -37.65 -8.13
C6 PGE H . -57.42 -39.07 -8.33
C5 PGE H . -57.50 -39.47 -9.80
O3 PGE H . -57.29 -40.89 -10.04
H1 PGE H . -54.69 -45.16 -12.74
H12 PGE H . -54.07 -44.41 -14.23
HO1 PGE H . -52.77 -46.22 -13.10
H2 PGE H . -54.07 -42.45 -13.25
H22 PGE H . -52.85 -43.04 -12.08
H3 PGE H . -56.70 -42.36 -11.94
H32 PGE H . -55.33 -41.26 -12.24
H4 PGE H . -55.24 -40.54 -10.09
H42 PGE H . -55.72 -42.12 -9.41
HO4 PGE H . -56.93 -37.24 -8.83
H6 PGE H . -58.27 -39.56 -7.81
H62 PGE H . -56.49 -39.51 -7.93
H5 PGE H . -56.75 -38.88 -10.35
H52 PGE H . -58.50 -39.18 -10.17
C1 PGE I . 20.76 -16.98 21.56
O1 PGE I . 20.25 -17.93 22.50
C2 PGE I . 22.23 -16.73 21.86
O2 PGE I . 22.90 -16.20 20.75
C3 PGE I . 22.72 -14.80 20.50
C4 PGE I . 21.88 -14.64 19.24
O4 PGE I . 17.96 -13.16 19.20
C6 PGE I . 19.19 -12.69 18.64
C5 PGE I . 20.26 -12.93 19.70
O3 PGE I . 21.48 -13.27 19.08
H1 PGE I . 20.23 -16.01 21.64
H12 PGE I . 20.67 -17.33 20.53
HO1 PGE I . 20.88 -17.97 23.24
H2 PGE I . 22.69 -17.69 22.17
H22 PGE I . 22.29 -16.04 22.72
H3 PGE I . 23.69 -14.29 20.36
H32 PGE I . 22.20 -14.31 21.35
H4 PGE I . 20.99 -15.29 19.32
H42 PGE I . 22.47 -14.98 18.37
HO4 PGE I . 18.02 -13.07 20.17
H6 PGE I . 19.16 -11.62 18.39
H62 PGE I . 19.46 -13.24 17.73
H5 PGE I . 19.92 -13.73 20.38
H52 PGE I . 20.36 -12.01 20.30
C1 PGE J . -29.47 -5.86 -43.38
O1 PGE J . -30.71 -6.56 -43.31
C2 PGE J . -28.37 -6.66 -42.72
O2 PGE J . -27.34 -5.79 -42.28
C3 PGE J . -27.59 -5.09 -41.05
C4 PGE J . -26.39 -4.23 -40.66
O4 PGE J . -23.79 -6.55 -40.14
C6 PGE J . -24.02 -5.51 -39.20
C5 PGE J . -25.49 -5.45 -38.82
O3 PGE J . -26.14 -4.26 -39.26
H1 PGE J . -29.53 -4.89 -42.87
H12 PGE J . -29.18 -5.67 -44.42
HO1 PGE J . -30.83 -6.87 -42.39
H2 PGE J . -27.98 -7.40 -43.44
H22 PGE J . -28.79 -7.23 -41.87
H3 PGE J . -27.79 -5.80 -40.23
H32 PGE J . -28.47 -4.44 -41.15
H4 PGE J . -26.59 -3.19 -40.99
H42 PGE J . -25.51 -4.59 -41.22
HO4 PGE J . -24.50 -6.53 -40.80
H6 PGE J . -23.74 -4.52 -39.61
H62 PGE J . -23.43 -5.66 -38.28
H5 PGE J . -25.56 -5.52 -37.71
H52 PGE J . -25.99 -6.34 -39.24
#